data_6G3J
#
_entry.id   6G3J
#
_cell.length_a   202.940
_cell.length_b   50.280
_cell.length_c   119.070
_cell.angle_alpha   90.00
_cell.angle_beta   122.86
_cell.angle_gamma   90.00
#
_symmetry.space_group_name_H-M   'C 1 2 1'
#
loop_
_entity.id
_entity.type
_entity.pdbx_description
1 polymer 'HLA class I histocompatibility antigen, A-2 alpha chain'
2 polymer Beta-2-microglobulin
3 polymer MET-THR-SER-ALA-ILE-GLY-ILE-LEU-PRO-VAL
4 water water
#
loop_
_entity_poly.entity_id
_entity_poly.type
_entity_poly.pdbx_seq_one_letter_code
_entity_poly.pdbx_strand_id
1 'polypeptide(L)'
;GSHSMRYFFTSVSRPGRGEPRFIAVGYVDDTQFVRFDSDAASQRMEPRAPWIEQEGPEYWDGETRKVKAHSQTHRVDLGT
LRGYYNQSEAGSHTVQRMYGCDVGSDWRFLRGYHQYAYDGKDYIALKEDLRSWTAADMAAQTTKHKWEAAHVAEQLRAYL
EGTCVEWLRRYLENGKETLQRTDAPKTHMTHHAVSDHEATLRCWALSFYPAEITLTWQRDGEDQTQDTELVETRPAGDGT
FQKWAAVVVPSGQEQRYTCHVQHEGLPKPLTLRWEP
;
A,D
2 'polypeptide(L)'
;MIQRTPKIQVYSRHPAENGKSNFLNCYVSGFHPSDIEVDLLKNGERIEKVEHSDLSFSKDWSFYLLYYTEFTPTEKDEYA
CRVNHVTLSQPKIVKWDRDM
;
B,E
3 'polypeptide(L)' MTSAIGILPV C,F
#
# COMPACT_ATOMS: atom_id res chain seq x y z
N GLY A 1 -8.44 -24.06 -0.92
CA GLY A 1 -9.01 -22.76 -1.41
C GLY A 1 -8.24 -21.53 -0.94
N SER A 2 -8.49 -21.12 0.33
CA SER A 2 -7.78 -19.98 0.97
C SER A 2 -6.30 -20.25 1.30
N HIS A 3 -5.58 -19.16 1.53
CA HIS A 3 -4.15 -19.22 1.76
C HIS A 3 -3.81 -18.07 2.65
N SER A 4 -2.57 -17.99 3.11
CA SER A 4 -2.13 -16.91 4.01
C SER A 4 -0.58 -16.78 4.15
N MET A 5 -0.12 -15.60 4.60
CA MET A 5 1.28 -15.34 4.91
C MET A 5 1.29 -14.83 6.30
N ARG A 6 2.34 -15.15 7.04
CA ARG A 6 2.44 -14.77 8.44
C ARG A 6 3.84 -14.61 8.73
N TYR A 7 4.17 -13.53 9.41
CA TYR A 7 5.49 -13.32 9.95
C TYR A 7 5.38 -13.29 11.43
N PHE A 8 6.36 -13.87 12.11
CA PHE A 8 6.38 -14.01 13.57
C PHE A 8 7.70 -13.53 14.14
N PHE A 9 7.69 -12.65 15.12
CA PHE A 9 8.93 -12.05 15.61
C PHE A 9 8.98 -12.18 17.14
N THR A 10 10.11 -12.53 17.72
CA THR A 10 10.20 -12.72 19.13
C THR A 10 11.41 -12.05 19.60
N SER A 11 11.38 -11.29 20.69
CA SER A 11 12.65 -10.82 21.26
C SER A 11 12.60 -11.12 22.68
N VAL A 12 13.75 -11.44 23.26
CA VAL A 12 13.86 -11.74 24.63
C VAL A 12 14.98 -11.01 25.26
N SER A 13 14.79 -10.30 26.34
CA SER A 13 15.93 -9.63 26.94
C SER A 13 16.79 -10.55 27.85
N ARG A 14 18.08 -10.23 27.97
CA ARG A 14 19.03 -11.06 28.69
C ARG A 14 19.76 -10.16 29.64
N PRO A 15 19.13 -9.86 30.75
CA PRO A 15 19.40 -8.61 31.40
C PRO A 15 20.90 -8.38 31.76
N GLY A 16 21.59 -9.36 32.37
CA GLY A 16 23.03 -9.20 32.61
C GLY A 16 23.99 -9.84 31.59
N ARG A 17 23.43 -10.26 30.45
CA ARG A 17 24.07 -11.03 29.39
C ARG A 17 23.94 -10.33 27.99
N GLY A 18 23.82 -9.00 27.95
CA GLY A 18 24.00 -8.22 26.70
C GLY A 18 22.82 -7.90 25.78
N GLU A 19 22.95 -8.16 24.49
CA GLU A 19 21.91 -7.76 23.54
C GLU A 19 20.77 -8.74 23.57
N PRO A 20 19.54 -8.29 23.35
CA PRO A 20 18.40 -9.15 23.23
C PRO A 20 18.47 -10.15 22.11
N ARG A 21 17.92 -11.33 22.38
CA ARG A 21 17.77 -12.38 21.39
C ARG A 21 16.68 -11.87 20.53
N PHE A 22 16.73 -12.25 19.27
CA PHE A 22 15.69 -11.86 18.34
C PHE A 22 15.63 -12.93 17.28
N ILE A 23 14.43 -13.32 16.91
CA ILE A 23 14.18 -14.34 15.92
C ILE A 23 12.95 -13.97 15.16
N ALA A 24 12.98 -14.13 13.86
CA ALA A 24 11.82 -13.88 13.04
C ALA A 24 11.66 -15.03 12.12
N VAL A 25 10.45 -15.32 11.72
CA VAL A 25 10.22 -16.43 10.82
C VAL A 25 9.01 -16.07 10.05
N GLY A 26 8.93 -16.51 8.81
CA GLY A 26 7.71 -16.31 8.07
C GLY A 26 7.26 -17.55 7.37
N TYR A 27 5.95 -17.71 7.24
CA TYR A 27 5.31 -18.88 6.69
C TYR A 27 4.28 -18.43 5.69
N VAL A 28 4.14 -19.22 4.64
CA VAL A 28 2.97 -19.26 3.76
C VAL A 28 2.17 -20.51 4.08
N ASP A 29 0.94 -20.32 4.55
CA ASP A 29 0.11 -21.41 5.02
C ASP A 29 0.87 -22.18 6.11
N ASP A 30 1.27 -23.44 5.90
CA ASP A 30 1.99 -24.20 6.95
C ASP A 30 3.48 -24.46 6.64
N THR A 31 4.00 -23.79 5.61
CA THR A 31 5.32 -24.05 5.08
C THR A 31 6.14 -22.82 5.40
N GLN A 32 7.19 -23.01 6.17
CA GLN A 32 8.12 -21.95 6.53
C GLN A 32 9.01 -21.63 5.34
N PHE A 33 9.20 -20.35 5.02
CA PHE A 33 10.10 -19.93 3.89
C PHE A 33 11.32 -19.08 4.23
N VAL A 34 11.37 -18.38 5.38
CA VAL A 34 12.54 -17.60 5.80
C VAL A 34 12.76 -17.51 7.30
N ARG A 35 13.99 -17.17 7.69
CA ARG A 35 14.32 -16.89 9.09
C ARG A 35 15.42 -15.90 9.23
N PHE A 36 15.45 -15.26 10.38
CA PHE A 36 16.54 -14.41 10.80
C PHE A 36 16.76 -14.74 12.24
N ASP A 37 17.99 -14.86 12.68
CA ASP A 37 18.21 -15.24 14.05
C ASP A 37 19.46 -14.54 14.56
N SER A 38 19.27 -13.41 15.25
CA SER A 38 20.37 -12.57 15.78
C SER A 38 21.57 -13.36 16.20
N ASP A 39 21.35 -14.44 16.92
CA ASP A 39 22.49 -15.17 17.47
C ASP A 39 23.25 -16.15 16.51
N ALA A 40 22.86 -16.22 15.23
CA ALA A 40 23.59 -17.03 14.22
C ALA A 40 24.71 -16.20 13.51
N ALA A 41 25.71 -16.86 12.93
CA ALA A 41 26.86 -16.17 12.31
C ALA A 41 26.54 -15.10 11.22
N SER A 42 25.80 -15.51 10.19
CA SER A 42 25.64 -14.71 8.95
C SER A 42 24.98 -13.33 9.13
N GLN A 43 24.03 -13.21 10.05
CA GLN A 43 23.29 -11.96 10.30
C GLN A 43 22.47 -11.47 9.13
N ARG A 44 22.08 -12.41 8.27
CA ARG A 44 21.27 -12.11 7.11
C ARG A 44 19.97 -12.85 7.30
N MET A 45 18.97 -12.46 6.53
CA MET A 45 17.73 -13.22 6.43
C MET A 45 18.13 -14.34 5.53
N GLU A 46 17.72 -15.55 5.85
CA GLU A 46 18.18 -16.73 5.13
C GLU A 46 17.01 -17.44 4.47
N PRO A 47 17.25 -18.11 3.33
CA PRO A 47 16.16 -18.86 2.75
C PRO A 47 15.94 -20.19 3.51
N ARG A 48 14.68 -20.58 3.66
CA ARG A 48 14.25 -21.83 4.28
C ARG A 48 13.34 -22.75 3.43
N ALA A 49 13.39 -22.61 2.12
CA ALA A 49 12.53 -23.37 1.20
C ALA A 49 13.22 -23.36 -0.13
N PRO A 50 12.91 -24.32 -1.01
CA PRO A 50 13.57 -24.26 -2.32
C PRO A 50 12.99 -23.19 -3.29
N TRP A 51 11.69 -22.94 -3.22
CA TRP A 51 11.04 -22.04 -4.19
C TRP A 51 11.39 -20.55 -4.05
N ILE A 52 11.86 -20.15 -2.87
CA ILE A 52 12.29 -18.77 -2.57
C ILE A 52 13.75 -18.50 -2.85
N GLU A 53 14.55 -19.53 -3.08
CA GLU A 53 16.00 -19.37 -3.25
C GLU A 53 16.34 -18.68 -4.59
N GLN A 54 15.47 -18.86 -5.58
CA GLN A 54 15.61 -18.18 -6.88
C GLN A 54 15.64 -16.63 -6.81
N GLU A 55 14.91 -16.04 -5.84
CA GLU A 55 14.81 -14.56 -5.67
C GLU A 55 16.12 -13.76 -5.73
N GLY A 56 16.04 -12.58 -6.37
CA GLY A 56 17.20 -11.76 -6.73
C GLY A 56 18.00 -11.34 -5.52
N PRO A 57 19.22 -10.85 -5.74
CA PRO A 57 20.10 -10.52 -4.62
C PRO A 57 19.62 -9.32 -3.80
N GLU A 58 18.72 -8.49 -4.36
CA GLU A 58 18.13 -7.31 -3.71
C GLU A 58 16.94 -7.67 -2.86
N TYR A 59 16.39 -8.85 -3.10
CA TYR A 59 15.44 -9.46 -2.17
C TYR A 59 16.07 -9.62 -0.79
N TRP A 60 17.20 -10.30 -0.70
CA TRP A 60 17.85 -10.58 0.60
C TRP A 60 18.35 -9.33 1.31
N ASP A 61 18.98 -8.41 0.59
CA ASP A 61 19.52 -7.16 1.17
C ASP A 61 18.46 -6.32 1.89
N GLY A 62 17.28 -6.23 1.28
CA GLY A 62 16.19 -5.38 1.75
C GLY A 62 15.53 -6.06 2.89
N GLU A 63 15.17 -7.33 2.67
CA GLU A 63 14.62 -8.19 3.76
C GLU A 63 15.57 -8.19 4.92
N THR A 64 16.88 -8.31 4.68
CA THR A 64 17.78 -8.21 5.78
C THR A 64 17.68 -6.85 6.46
N ARG A 65 17.78 -5.76 5.69
CA ARG A 65 17.73 -4.40 6.25
C ARG A 65 16.52 -4.25 7.11
N LYS A 66 15.37 -4.63 6.55
CA LYS A 66 14.09 -4.36 7.18
C LYS A 66 13.93 -5.08 8.50
N VAL A 67 14.55 -6.24 8.62
CA VAL A 67 14.31 -7.14 9.69
C VAL A 67 15.22 -6.71 10.87
N LYS A 68 16.38 -6.21 10.54
CA LYS A 68 17.24 -5.64 11.54
C LYS A 68 16.58 -4.41 12.12
N ALA A 69 15.68 -3.75 11.35
CA ALA A 69 14.93 -2.60 11.85
C ALA A 69 13.85 -3.02 12.84
N HIS A 70 12.92 -3.86 12.41
CA HIS A 70 12.01 -4.57 13.35
C HIS A 70 12.76 -4.95 14.63
N SER A 71 14.00 -5.45 14.49
CA SER A 71 14.83 -5.84 15.62
C SER A 71 15.17 -4.69 16.50
N GLN A 72 15.74 -3.61 15.94
CA GLN A 72 16.04 -2.42 16.77
C GLN A 72 14.76 -1.77 17.34
N THR A 73 13.63 -1.95 16.69
CA THR A 73 12.38 -1.53 17.26
C THR A 73 11.99 -2.41 18.47
N HIS A 74 12.02 -3.74 18.31
CA HIS A 74 11.75 -4.62 19.48
C HIS A 74 12.69 -4.39 20.58
N ARG A 75 13.92 -3.99 20.27
CA ARG A 75 14.93 -3.71 21.28
C ARG A 75 14.58 -2.51 22.12
N VAL A 76 14.16 -1.43 21.48
CA VAL A 76 13.66 -0.23 22.17
C VAL A 76 12.40 -0.53 23.00
N ASP A 77 11.49 -1.29 22.40
CA ASP A 77 10.25 -1.76 23.06
C ASP A 77 10.45 -2.45 24.39
N LEU A 78 11.43 -3.33 24.46
CA LEU A 78 11.83 -3.96 25.71
C LEU A 78 12.17 -2.97 26.82
N GLY A 79 12.91 -1.92 26.50
CA GLY A 79 13.23 -0.86 27.47
C GLY A 79 12.02 -0.01 27.85
N THR A 80 11.10 0.21 26.93
CA THR A 80 9.95 1.09 27.22
C THR A 80 8.93 0.36 28.09
N LEU A 81 8.66 -0.89 27.73
CA LEU A 81 7.77 -1.76 28.49
C LEU A 81 8.25 -2.03 29.89
N ARG A 82 9.51 -2.29 30.09
CA ARG A 82 10.04 -2.34 31.48
C ARG A 82 9.73 -1.06 32.21
N GLY A 83 9.90 0.07 31.53
CA GLY A 83 9.58 1.39 32.08
C GLY A 83 8.13 1.55 32.49
N TYR A 84 7.24 1.15 31.57
CA TYR A 84 5.77 1.32 31.74
C TYR A 84 5.21 0.42 32.84
N TYR A 85 5.80 -0.75 33.04
CA TYR A 85 5.26 -1.65 34.05
C TYR A 85 6.05 -1.58 35.36
N ASN A 86 6.99 -0.62 35.46
CA ASN A 86 8.01 -0.49 36.51
C ASN A 86 8.69 -1.78 36.95
N GLN A 87 8.99 -2.65 36.02
CA GLN A 87 9.69 -3.87 36.35
C GLN A 87 11.19 -3.64 36.53
N SER A 88 11.81 -4.43 37.40
CA SER A 88 13.26 -4.28 37.61
C SER A 88 14.11 -4.65 36.36
N GLU A 89 15.32 -4.09 36.35
CA GLU A 89 16.40 -4.42 35.41
C GLU A 89 16.79 -5.92 35.45
N ALA A 90 16.57 -6.54 36.60
CA ALA A 90 17.06 -7.89 36.90
C ALA A 90 16.46 -8.97 36.01
N GLY A 91 15.17 -8.84 35.67
CA GLY A 91 14.41 -9.91 35.00
C GLY A 91 14.46 -9.97 33.48
N SER A 92 14.35 -11.17 32.93
CA SER A 92 14.25 -11.37 31.48
C SER A 92 12.82 -11.20 31.01
N HIS A 93 12.58 -10.50 29.91
CA HIS A 93 11.18 -10.23 29.45
C HIS A 93 11.05 -10.55 27.97
N THR A 94 9.84 -10.57 27.45
CA THR A 94 9.59 -11.03 26.04
C THR A 94 8.55 -10.16 25.28
N VAL A 95 8.90 -9.76 24.05
CA VAL A 95 7.90 -9.22 23.15
C VAL A 95 7.74 -10.19 22.03
N GLN A 96 6.51 -10.36 21.56
CA GLN A 96 6.24 -11.05 20.34
C GLN A 96 5.37 -10.18 19.46
N ARG A 97 5.56 -10.32 18.16
CA ARG A 97 4.72 -9.63 17.20
C ARG A 97 4.38 -10.61 16.13
N MET A 98 3.15 -10.53 15.69
CA MET A 98 2.67 -11.33 14.58
C MET A 98 1.91 -10.45 13.56
N TYR A 99 2.24 -10.54 12.26
CA TYR A 99 1.30 -9.98 11.26
C TYR A 99 1.18 -10.78 9.99
N GLY A 100 0.12 -10.55 9.26
CA GLY A 100 0.02 -11.10 7.89
C GLY A 100 -1.36 -10.99 7.31
N CYS A 101 -1.60 -11.73 6.24
CA CYS A 101 -2.87 -11.61 5.55
C CYS A 101 -3.35 -12.92 4.97
N ASP A 102 -4.68 -13.01 4.81
CA ASP A 102 -5.32 -14.16 4.20
C ASP A 102 -5.94 -13.79 2.84
N VAL A 103 -6.12 -14.76 1.95
CA VAL A 103 -6.88 -14.60 0.68
C VAL A 103 -7.90 -15.74 0.48
N GLY A 104 -8.81 -15.57 -0.48
CA GLY A 104 -9.82 -16.60 -0.86
C GLY A 104 -9.33 -17.49 -2.00
N SER A 105 -10.24 -18.24 -2.63
CA SER A 105 -9.88 -19.04 -3.85
C SER A 105 -9.58 -18.17 -5.05
N ASP A 106 -10.33 -17.07 -5.15
CA ASP A 106 -10.07 -15.96 -6.09
C ASP A 106 -8.75 -15.20 -5.86
N TRP A 107 -7.99 -15.56 -4.82
CA TRP A 107 -6.71 -14.95 -4.41
C TRP A 107 -6.78 -13.44 -4.02
N ARG A 108 -7.99 -12.95 -3.70
CA ARG A 108 -8.19 -11.54 -3.33
C ARG A 108 -8.15 -11.39 -1.82
N PHE A 109 -7.61 -10.27 -1.34
CA PHE A 109 -7.59 -9.93 0.08
C PHE A 109 -8.88 -10.31 0.76
N LEU A 110 -8.72 -10.93 1.93
CA LEU A 110 -9.79 -11.43 2.74
C LEU A 110 -9.74 -10.79 4.13
N ARG A 111 -8.57 -10.77 4.74
CA ARG A 111 -8.44 -10.22 6.09
C ARG A 111 -6.94 -10.08 6.38
N GLY A 112 -6.64 -9.25 7.36
CA GLY A 112 -5.30 -9.06 7.85
C GLY A 112 -5.27 -8.84 9.34
N TYR A 113 -4.06 -8.94 9.86
CA TYR A 113 -3.85 -8.98 11.27
C TYR A 113 -2.60 -8.27 11.61
N HIS A 114 -2.58 -7.80 12.84
CA HIS A 114 -1.36 -7.34 13.45
C HIS A 114 -1.60 -7.32 14.93
N GLN A 115 -0.82 -8.14 15.63
CA GLN A 115 -0.97 -8.42 17.04
C GLN A 115 0.38 -8.36 17.73
N TYR A 116 0.37 -7.85 18.94
CA TYR A 116 1.57 -7.59 19.72
C TYR A 116 1.38 -8.11 21.14
N ALA A 117 2.40 -8.79 21.70
CA ALA A 117 2.32 -9.30 23.07
C ALA A 117 3.52 -8.94 23.92
N TYR A 118 3.32 -8.75 25.22
CA TYR A 118 4.39 -8.55 26.16
C TYR A 118 4.26 -9.63 27.26
N ASP A 119 5.33 -10.39 27.45
CA ASP A 119 5.41 -11.46 28.48
C ASP A 119 4.31 -12.48 28.31
N GLY A 120 4.16 -12.96 27.06
CA GLY A 120 3.04 -13.87 26.62
C GLY A 120 1.59 -13.42 26.74
N LYS A 121 1.27 -12.12 26.84
CA LYS A 121 -0.15 -11.68 27.00
C LYS A 121 -0.48 -10.53 26.07
N ASP A 122 -1.61 -10.60 25.38
CA ASP A 122 -2.15 -9.50 24.58
C ASP A 122 -1.79 -8.12 25.14
N TYR A 123 -1.14 -7.30 24.30
CA TYR A 123 -0.81 -5.93 24.66
C TYR A 123 -1.65 -4.99 23.76
N ILE A 124 -1.41 -5.00 22.46
CA ILE A 124 -2.26 -4.25 21.55
C ILE A 124 -2.47 -5.04 20.28
N ALA A 125 -3.64 -4.95 19.70
CA ALA A 125 -3.89 -5.55 18.39
C ALA A 125 -4.89 -4.74 17.53
N LEU A 126 -4.83 -5.02 16.25
CA LEU A 126 -5.54 -4.29 15.25
C LEU A 126 -6.77 -5.04 14.96
N LYS A 127 -7.91 -4.34 14.94
CA LYS A 127 -9.21 -4.98 14.83
C LYS A 127 -9.48 -5.44 13.43
N GLU A 128 -10.57 -6.16 13.19
CA GLU A 128 -10.84 -6.67 11.83
C GLU A 128 -11.04 -5.54 10.75
N ASP A 129 -11.77 -4.47 11.10
CA ASP A 129 -11.98 -3.31 10.19
C ASP A 129 -10.68 -2.67 9.65
N LEU A 130 -9.56 -2.95 10.33
CA LEU A 130 -8.22 -2.42 10.04
C LEU A 130 -7.99 -0.95 10.38
N ARG A 131 -8.88 -0.35 11.16
CA ARG A 131 -8.82 1.07 11.42
C ARG A 131 -8.61 1.43 12.87
N SER A 132 -8.67 0.44 13.76
CA SER A 132 -8.70 0.74 15.18
C SER A 132 -7.97 -0.33 15.98
N TRP A 133 -7.65 0.01 17.21
CA TRP A 133 -6.90 -0.88 18.07
C TRP A 133 -7.75 -1.42 19.21
N THR A 134 -7.40 -2.60 19.69
CA THR A 134 -7.92 -3.18 20.93
C THR A 134 -6.72 -3.16 21.88
N ALA A 135 -6.75 -2.31 22.89
CA ALA A 135 -5.68 -2.14 23.90
C ALA A 135 -5.99 -2.93 25.17
N ALA A 136 -5.07 -3.76 25.63
CA ALA A 136 -5.34 -4.69 26.76
C ALA A 136 -5.49 -4.04 28.15
N ASP A 137 -4.82 -2.92 28.40
CA ASP A 137 -4.74 -2.27 29.73
C ASP A 137 -4.27 -0.80 29.59
N MET A 138 -4.04 -0.14 30.72
CA MET A 138 -3.62 1.26 30.75
C MET A 138 -2.21 1.60 30.18
N ALA A 139 -1.21 0.76 30.44
CA ALA A 139 0.06 0.92 29.77
C ALA A 139 -0.13 0.93 28.28
N ALA A 140 -0.90 -0.03 27.76
CA ALA A 140 -1.14 -0.15 26.33
C ALA A 140 -2.07 0.92 25.73
N GLN A 141 -2.85 1.61 26.54
CA GLN A 141 -3.66 2.71 26.04
C GLN A 141 -2.70 3.90 25.70
N THR A 142 -1.57 4.00 26.42
CA THR A 142 -0.53 4.95 26.12
C THR A 142 0.07 4.70 24.73
N THR A 143 0.27 3.43 24.38
CA THR A 143 0.76 3.07 23.05
C THR A 143 -0.30 3.31 21.99
N LYS A 144 -1.53 2.94 22.30
CA LYS A 144 -2.63 3.14 21.35
C LYS A 144 -2.70 4.61 20.89
N HIS A 145 -2.47 5.56 21.79
CA HIS A 145 -2.49 7.00 21.49
C HIS A 145 -1.30 7.41 20.63
N LYS A 146 -0.12 6.84 20.91
CA LYS A 146 1.02 7.14 20.11
C LYS A 146 0.83 6.65 18.68
N TRP A 147 0.22 5.50 18.50
CA TRP A 147 -0.07 4.97 17.17
C TRP A 147 -1.28 5.58 16.43
N GLU A 148 -2.16 6.22 17.17
CA GLU A 148 -3.28 6.94 16.60
C GLU A 148 -2.75 8.26 16.01
N ALA A 149 -1.71 8.80 16.66
CA ALA A 149 -1.08 10.08 16.26
C ALA A 149 -0.10 9.91 15.07
N ALA A 150 0.64 8.80 15.04
CA ALA A 150 1.46 8.40 13.87
C ALA A 150 0.70 7.61 12.79
N HIS A 151 -0.63 7.58 12.81
CA HIS A 151 -1.45 6.86 11.82
C HIS A 151 -0.96 5.39 11.52
N VAL A 152 -0.50 4.67 12.56
CA VAL A 152 0.03 3.31 12.29
C VAL A 152 -1.02 2.40 11.63
N ALA A 153 -2.26 2.51 12.06
CA ALA A 153 -3.30 1.70 11.43
C ALA A 153 -3.27 1.85 9.89
N GLU A 154 -3.37 3.09 9.42
CA GLU A 154 -3.39 3.30 7.97
C GLU A 154 -2.11 2.77 7.35
N GLN A 155 -0.98 3.04 7.98
CA GLN A 155 0.28 2.54 7.45
C GLN A 155 0.29 1.02 7.29
N LEU A 156 -0.21 0.26 8.29
CA LEU A 156 -0.33 -1.23 8.19
C LEU A 156 -1.44 -1.72 7.27
N ARG A 157 -2.56 -0.99 7.22
CA ARG A 157 -3.60 -1.34 6.29
C ARG A 157 -3.08 -1.26 4.86
N ALA A 158 -2.15 -0.36 4.62
CA ALA A 158 -1.61 -0.19 3.30
C ALA A 158 -0.59 -1.27 2.96
N TYR A 159 0.21 -1.68 3.93
CA TYR A 159 0.99 -2.95 3.74
C TYR A 159 0.07 -4.17 3.57
N LEU A 160 -0.98 -4.28 4.37
CA LEU A 160 -1.78 -5.51 4.41
C LEU A 160 -2.59 -5.73 3.14
N GLU A 161 -3.30 -4.68 2.69
CA GLU A 161 -4.20 -4.81 1.57
C GLU A 161 -3.42 -4.70 0.28
N GLY A 162 -2.14 -4.36 0.34
CA GLY A 162 -1.33 -4.08 -0.84
C GLY A 162 -0.17 -5.03 -0.96
N THR A 163 0.96 -4.65 -0.38
CA THR A 163 2.20 -5.43 -0.47
C THR A 163 2.14 -6.92 -0.01
N CYS A 164 1.54 -7.18 1.16
CA CYS A 164 1.40 -8.54 1.72
C CYS A 164 0.71 -9.45 0.71
N VAL A 165 -0.46 -9.04 0.21
CA VAL A 165 -1.25 -9.88 -0.71
C VAL A 165 -0.55 -10.11 -2.03
N GLU A 166 -0.02 -9.04 -2.65
CA GLU A 166 0.63 -9.16 -3.96
C GLU A 166 1.76 -10.18 -3.83
N TRP A 167 2.65 -9.98 -2.87
CA TRP A 167 3.76 -10.93 -2.66
C TRP A 167 3.39 -12.35 -2.23
N LEU A 168 2.22 -12.55 -1.62
CA LEU A 168 1.70 -13.90 -1.35
C LEU A 168 1.34 -14.56 -2.67
N ARG A 169 0.45 -13.92 -3.42
CA ARG A 169 0.05 -14.39 -4.75
C ARG A 169 1.26 -14.78 -5.61
N ARG A 170 2.35 -14.03 -5.45
CA ARG A 170 3.58 -14.28 -6.16
C ARG A 170 4.17 -15.64 -5.79
N TYR A 171 4.42 -15.79 -4.49
CA TYR A 171 5.01 -17.02 -3.91
C TYR A 171 4.23 -18.31 -4.22
N LEU A 172 2.91 -18.21 -4.10
CA LEU A 172 2.01 -19.26 -4.59
C LEU A 172 2.33 -19.74 -6.02
N GLU A 173 2.45 -18.86 -7.00
CA GLU A 173 2.74 -19.29 -8.37
C GLU A 173 4.19 -19.82 -8.46
N ASN A 174 5.14 -19.24 -7.73
CA ASN A 174 6.53 -19.74 -7.80
C ASN A 174 6.79 -21.06 -7.08
N GLY A 175 6.13 -21.27 -5.93
CA GLY A 175 6.20 -22.54 -5.18
C GLY A 175 4.93 -23.37 -5.29
N LYS A 176 4.29 -23.38 -6.47
CA LYS A 176 2.97 -24.01 -6.68
C LYS A 176 2.93 -25.52 -6.44
N GLU A 177 3.99 -26.19 -6.93
CA GLU A 177 4.26 -27.61 -6.70
C GLU A 177 4.17 -27.99 -5.21
N THR A 178 4.75 -27.18 -4.32
CA THR A 178 4.75 -27.48 -2.87
C THR A 178 3.66 -26.75 -2.06
N LEU A 179 3.19 -25.57 -2.50
CA LEU A 179 2.19 -24.78 -1.76
C LEU A 179 0.68 -24.92 -2.12
N GLN A 180 0.36 -25.38 -3.34
CA GLN A 180 -1.05 -25.52 -3.81
C GLN A 180 -1.58 -26.94 -3.79
N ARG A 181 -0.69 -27.94 -3.65
CA ARG A 181 -1.12 -29.33 -3.67
C ARG A 181 -1.23 -29.80 -2.24
N THR A 182 -2.19 -30.70 -2.02
CA THR A 182 -2.72 -31.02 -0.69
C THR A 182 -2.78 -32.56 -0.42
N ASP A 183 -1.78 -33.04 0.33
CA ASP A 183 -1.56 -34.47 0.62
C ASP A 183 -2.62 -35.07 1.55
N ALA A 184 -3.33 -36.09 1.09
CA ALA A 184 -4.38 -36.70 1.89
C ALA A 184 -3.74 -37.72 2.82
N PRO A 185 -4.37 -37.93 3.99
CA PRO A 185 -3.83 -38.82 5.04
C PRO A 185 -3.71 -40.27 4.63
N LYS A 186 -2.56 -40.86 4.93
CA LYS A 186 -2.45 -42.29 4.99
C LYS A 186 -2.98 -42.68 6.38
N THR A 187 -4.20 -43.23 6.46
CA THR A 187 -4.82 -43.66 7.72
C THR A 187 -4.79 -45.15 7.96
N HIS A 188 -4.78 -45.52 9.24
N HIS A 188 -4.62 -45.52 9.22
CA HIS A 188 -4.35 -46.83 9.70
CA HIS A 188 -4.58 -46.91 9.65
C HIS A 188 -4.95 -46.87 11.12
C HIS A 188 -5.00 -46.89 11.11
N MET A 189 -5.23 -48.06 11.68
CA MET A 189 -5.72 -48.18 13.08
C MET A 189 -5.01 -49.32 13.85
N THR A 190 -4.50 -49.01 15.08
CA THR A 190 -3.79 -49.98 15.94
C THR A 190 -4.67 -50.48 17.10
N HIS A 191 -4.25 -51.57 17.76
CA HIS A 191 -4.96 -52.20 18.88
C HIS A 191 -3.93 -52.70 19.89
N HIS A 192 -4.11 -52.36 21.16
CA HIS A 192 -3.23 -52.83 22.26
C HIS A 192 -4.06 -53.25 23.46
N ALA A 193 -3.65 -54.30 24.18
CA ALA A 193 -4.18 -54.54 25.53
C ALA A 193 -3.62 -53.50 26.49
N VAL A 194 -4.49 -53.03 27.39
CA VAL A 194 -4.06 -52.20 28.51
C VAL A 194 -4.34 -52.87 29.87
N SER A 195 -5.11 -53.96 29.86
CA SER A 195 -5.23 -54.88 31.00
C SER A 195 -5.92 -56.23 30.60
N ASP A 196 -6.52 -56.92 31.57
CA ASP A 196 -7.32 -58.12 31.36
C ASP A 196 -8.57 -57.90 30.45
N HIS A 197 -9.24 -56.78 30.63
CA HIS A 197 -10.65 -56.62 30.20
C HIS A 197 -10.90 -55.28 29.50
N GLU A 198 -9.83 -54.71 28.96
CA GLU A 198 -9.84 -53.42 28.27
C GLU A 198 -8.81 -53.42 27.12
N ALA A 199 -8.97 -52.49 26.18
CA ALA A 199 -8.13 -52.43 24.99
C ALA A 199 -8.10 -51.03 24.37
N THR A 200 -6.96 -50.60 23.82
CA THR A 200 -6.85 -49.26 23.22
C THR A 200 -6.95 -49.40 21.71
N LEU A 201 -7.75 -48.52 21.12
CA LEU A 201 -7.87 -48.40 19.68
C LEU A 201 -7.39 -47.02 19.33
N ARG A 202 -6.31 -46.98 18.56
CA ARG A 202 -5.67 -45.76 18.18
C ARG A 202 -5.90 -45.55 16.66
N CYS A 203 -6.42 -44.39 16.32
CA CYS A 203 -6.64 -44.00 14.94
C CYS A 203 -5.55 -43.04 14.47
N TRP A 204 -4.90 -43.34 13.37
CA TRP A 204 -3.70 -42.65 12.98
C TRP A 204 -3.93 -41.93 11.67
N ALA A 205 -3.58 -40.65 11.64
CA ALA A 205 -3.43 -39.94 10.37
C ALA A 205 -1.98 -39.46 10.13
N LEU A 206 -1.41 -39.84 9.03
CA LEU A 206 -0.01 -39.57 8.78
C LEU A 206 0.14 -38.90 7.43
N SER A 207 1.22 -38.13 7.30
CA SER A 207 1.76 -37.75 5.97
C SER A 207 0.80 -36.81 5.18
N PHE A 208 0.18 -35.86 5.86
CA PHE A 208 -0.82 -35.04 5.22
C PHE A 208 -0.44 -33.56 5.22
N TYR A 209 -1.10 -32.80 4.36
CA TYR A 209 -0.85 -31.36 4.22
C TYR A 209 -2.13 -30.77 3.64
N PRO A 210 -2.63 -29.64 4.13
CA PRO A 210 -2.13 -28.90 5.28
C PRO A 210 -2.52 -29.53 6.63
N ALA A 211 -2.16 -28.83 7.72
CA ALA A 211 -2.36 -29.27 9.10
C ALA A 211 -3.81 -29.46 9.55
N GLU A 212 -4.74 -28.70 8.97
CA GLU A 212 -6.14 -28.77 9.37
C GLU A 212 -6.67 -30.18 9.17
N ILE A 213 -6.98 -30.89 10.25
CA ILE A 213 -7.61 -32.22 10.16
C ILE A 213 -8.54 -32.45 11.32
N THR A 214 -9.53 -33.34 11.17
CA THR A 214 -10.40 -33.68 12.30
C THR A 214 -10.56 -35.17 12.48
N LEU A 215 -10.24 -35.68 13.67
CA LEU A 215 -10.46 -37.10 14.00
C LEU A 215 -11.48 -37.23 15.10
N THR A 216 -12.48 -38.08 14.88
CA THR A 216 -13.51 -38.33 15.89
C THR A 216 -13.82 -39.82 16.00
N TRP A 217 -14.35 -40.18 17.17
CA TRP A 217 -14.77 -41.52 17.47
C TRP A 217 -16.28 -41.61 17.76
N GLN A 218 -16.88 -42.67 17.20
CA GLN A 218 -18.28 -42.99 17.37
C GLN A 218 -18.49 -44.41 17.91
N ARG A 219 -19.45 -44.52 18.84
CA ARG A 219 -19.97 -45.80 19.36
C ARG A 219 -21.31 -46.04 18.68
N ASP A 220 -21.34 -47.02 17.76
CA ASP A 220 -22.54 -47.36 16.95
C ASP A 220 -23.08 -46.18 16.16
N GLY A 221 -22.17 -45.40 15.54
CA GLY A 221 -22.55 -44.16 14.87
C GLY A 221 -23.14 -43.11 15.79
N GLU A 222 -22.61 -43.00 17.01
CA GLU A 222 -22.92 -41.90 17.92
C GLU A 222 -21.63 -41.38 18.57
N ASP A 223 -21.32 -40.11 18.32
CA ASP A 223 -20.16 -39.42 18.92
C ASP A 223 -20.04 -39.75 20.41
N GLN A 224 -18.81 -39.92 20.89
CA GLN A 224 -18.62 -39.83 22.33
C GLN A 224 -17.16 -39.36 22.53
N THR A 225 -17.08 -38.12 23.00
CA THR A 225 -15.84 -37.32 23.04
C THR A 225 -15.08 -37.43 24.36
N GLN A 226 -15.74 -37.92 25.40
CA GLN A 226 -15.05 -38.33 26.60
C GLN A 226 -14.83 -39.86 26.59
N ASP A 227 -13.77 -40.27 27.30
CA ASP A 227 -13.05 -41.55 27.15
C ASP A 227 -12.15 -41.60 25.90
N THR A 228 -12.11 -40.52 25.11
CA THR A 228 -11.09 -40.34 24.05
C THR A 228 -9.80 -39.74 24.60
N GLU A 229 -8.80 -39.71 23.72
CA GLU A 229 -7.52 -39.09 23.92
C GLU A 229 -7.07 -38.68 22.53
N LEU A 230 -6.70 -37.41 22.38
CA LEU A 230 -6.41 -36.82 21.08
C LEU A 230 -5.13 -36.04 21.32
N VAL A 231 -4.08 -36.31 20.56
CA VAL A 231 -2.84 -35.52 20.61
C VAL A 231 -2.82 -34.27 19.71
N GLU A 232 -2.11 -33.25 20.15
CA GLU A 232 -1.84 -32.09 19.31
C GLU A 232 -1.27 -32.51 17.92
N THR A 233 -1.71 -31.88 16.84
CA THR A 233 -1.17 -32.19 15.51
C THR A 233 0.28 -31.79 15.43
N ARG A 234 1.11 -32.63 14.82
CA ARG A 234 2.58 -32.54 14.96
C ARG A 234 3.30 -32.67 13.62
N PRO A 235 4.41 -31.97 13.48
CA PRO A 235 4.98 -32.01 12.15
C PRO A 235 5.89 -33.22 12.08
N ALA A 236 5.87 -33.87 10.94
CA ALA A 236 6.77 -34.95 10.61
C ALA A 236 8.25 -34.57 10.36
N GLY A 237 8.52 -33.30 10.10
CA GLY A 237 9.86 -32.78 9.81
C GLY A 237 10.24 -32.74 8.33
N ASP A 238 9.36 -33.23 7.44
CA ASP A 238 9.56 -33.26 5.97
C ASP A 238 8.37 -32.63 5.18
N GLY A 239 7.84 -31.50 5.65
CA GLY A 239 6.67 -30.89 5.01
C GLY A 239 5.33 -31.39 5.50
N THR A 240 5.18 -32.69 5.76
CA THR A 240 3.87 -33.27 6.12
C THR A 240 3.59 -33.21 7.65
N PHE A 241 2.37 -33.56 8.03
CA PHE A 241 1.96 -33.61 9.43
C PHE A 241 1.46 -34.99 9.87
N GLN A 242 1.25 -35.15 11.16
CA GLN A 242 0.80 -36.44 11.74
C GLN A 242 -0.15 -36.13 12.88
N LYS A 243 -1.08 -37.04 13.18
CA LYS A 243 -2.00 -36.89 14.34
C LYS A 243 -2.57 -38.25 14.73
N TRP A 244 -2.83 -38.49 16.00
CA TRP A 244 -3.71 -39.62 16.32
C TRP A 244 -4.75 -39.31 17.34
N ALA A 245 -5.77 -40.16 17.33
CA ALA A 245 -6.89 -40.11 18.25
C ALA A 245 -7.08 -41.51 18.80
N ALA A 246 -7.23 -41.62 20.12
CA ALA A 246 -7.46 -42.92 20.72
C ALA A 246 -8.74 -42.98 21.50
N VAL A 247 -9.10 -44.19 21.88
CA VAL A 247 -10.19 -44.43 22.78
C VAL A 247 -10.02 -45.80 23.47
N VAL A 248 -10.22 -45.81 24.78
CA VAL A 248 -10.14 -47.02 25.63
C VAL A 248 -11.57 -47.63 25.60
N VAL A 249 -11.65 -48.95 25.39
CA VAL A 249 -12.94 -49.66 25.26
C VAL A 249 -13.01 -50.97 26.07
N PRO A 250 -14.24 -51.54 26.24
CA PRO A 250 -14.34 -52.89 26.81
C PRO A 250 -13.85 -53.95 25.82
N SER A 251 -13.08 -54.89 26.32
CA SER A 251 -12.58 -56.06 25.55
C SER A 251 -13.75 -56.77 24.85
N GLY A 252 -13.61 -57.12 23.56
CA GLY A 252 -14.66 -57.77 22.77
C GLY A 252 -15.64 -56.88 21.99
N GLN A 253 -15.60 -55.56 22.21
CA GLN A 253 -16.54 -54.58 21.60
C GLN A 253 -15.92 -53.74 20.46
N GLU A 254 -14.80 -54.17 19.91
CA GLU A 254 -14.01 -53.28 19.07
C GLU A 254 -14.74 -52.79 17.81
N GLN A 255 -15.67 -53.58 17.29
CA GLN A 255 -16.45 -53.20 16.07
C GLN A 255 -17.72 -52.38 16.31
N ARG A 256 -18.04 -52.07 17.56
CA ARG A 256 -18.94 -50.96 17.83
C ARG A 256 -18.37 -49.64 17.31
N TYR A 257 -17.04 -49.51 17.36
CA TYR A 257 -16.36 -48.22 17.23
C TYR A 257 -15.86 -47.93 15.82
N THR A 258 -15.95 -46.66 15.47
CA THR A 258 -15.52 -46.18 14.17
C THR A 258 -14.79 -44.87 14.32
N CYS A 259 -13.76 -44.70 13.50
CA CYS A 259 -12.96 -43.48 13.44
C CYS A 259 -13.35 -42.65 12.19
N HIS A 260 -13.48 -41.34 12.35
CA HIS A 260 -13.91 -40.50 11.25
C HIS A 260 -12.89 -39.43 11.03
N VAL A 261 -12.32 -39.40 9.83
CA VAL A 261 -11.37 -38.40 9.43
C VAL A 261 -12.06 -37.38 8.54
N GLN A 262 -11.73 -36.12 8.71
CA GLN A 262 -12.12 -35.06 7.78
C GLN A 262 -10.89 -34.27 7.38
N HIS A 263 -10.65 -34.15 6.07
CA HIS A 263 -9.50 -33.41 5.58
C HIS A 263 -9.80 -32.78 4.23
N GLU A 264 -9.13 -31.68 3.95
CA GLU A 264 -9.28 -30.95 2.66
C GLU A 264 -9.07 -31.88 1.47
N GLY A 265 -7.99 -32.65 1.52
CA GLY A 265 -7.58 -33.60 0.49
C GLY A 265 -8.49 -34.80 0.24
N LEU A 266 -9.21 -35.26 1.25
CA LEU A 266 -10.18 -36.32 1.03
C LEU A 266 -11.48 -35.74 0.44
N PRO A 267 -12.01 -36.35 -0.65
CA PRO A 267 -13.34 -35.91 -1.17
C PRO A 267 -14.59 -36.28 -0.30
N LYS A 268 -14.87 -37.58 -0.08
CA LYS A 268 -15.82 -38.05 0.95
C LYS A 268 -15.08 -38.01 2.28
N PRO A 269 -15.80 -38.04 3.41
CA PRO A 269 -15.05 -38.31 4.65
C PRO A 269 -14.61 -39.80 4.74
N LEU A 270 -13.60 -40.13 5.55
CA LEU A 270 -13.22 -41.55 5.71
C LEU A 270 -13.83 -42.13 6.97
N THR A 271 -14.11 -43.42 6.94
CA THR A 271 -14.53 -44.18 8.13
C THR A 271 -13.63 -45.39 8.29
N LEU A 272 -13.12 -45.59 9.50
CA LEU A 272 -12.23 -46.74 9.80
C LEU A 272 -12.90 -47.65 10.80
N ARG A 273 -12.39 -48.87 10.95
CA ARG A 273 -13.05 -49.89 11.79
C ARG A 273 -12.07 -50.99 12.15
N TRP A 274 -11.89 -51.34 13.43
CA TRP A 274 -10.94 -52.43 13.73
C TRP A 274 -11.34 -53.75 13.05
N GLU A 275 -10.56 -54.16 12.06
CA GLU A 275 -10.66 -55.50 11.49
C GLU A 275 -9.44 -56.45 11.56
N PRO A 276 -8.18 -55.98 11.22
CA PRO A 276 -7.01 -56.89 10.94
C PRO A 276 -6.79 -58.16 11.81
N MET B 1 4.32 -12.60 35.24
CA MET B 1 4.00 -13.07 33.87
C MET B 1 3.56 -14.49 33.89
N ILE B 2 2.88 -14.89 32.80
CA ILE B 2 2.31 -16.25 32.72
C ILE B 2 3.40 -17.27 32.36
N GLN B 3 3.53 -18.32 33.15
CA GLN B 3 4.42 -19.45 32.84
C GLN B 3 3.48 -20.53 32.33
N ARG B 4 3.82 -21.13 31.21
CA ARG B 4 3.01 -22.19 30.68
C ARG B 4 3.99 -23.36 30.42
N THR B 5 3.64 -24.58 30.80
CA THR B 5 4.62 -25.69 30.79
C THR B 5 4.54 -26.50 29.47
N PRO B 6 5.67 -27.09 29.06
CA PRO B 6 5.65 -27.74 27.78
C PRO B 6 4.90 -29.05 27.75
N LYS B 7 4.23 -29.29 26.62
CA LYS B 7 3.67 -30.56 26.20
C LYS B 7 4.74 -31.12 25.35
N ILE B 8 4.99 -32.45 25.40
CA ILE B 8 6.14 -33.10 24.76
C ILE B 8 5.66 -34.36 24.04
N GLN B 9 6.20 -34.67 22.86
CA GLN B 9 5.89 -35.88 22.12
C GLN B 9 7.15 -36.34 21.48
N VAL B 10 7.39 -37.64 21.54
CA VAL B 10 8.57 -38.22 20.95
C VAL B 10 8.11 -39.25 19.97
N TYR B 11 8.64 -39.24 18.79
CA TYR B 11 8.07 -40.03 17.73
C TYR B 11 9.02 -39.90 16.59
N SER B 12 8.89 -40.81 15.65
CA SER B 12 9.67 -40.86 14.43
C SER B 12 8.92 -40.28 13.21
N ARG B 13 9.70 -39.87 12.21
CA ARG B 13 9.14 -39.33 10.93
C ARG B 13 8.35 -40.36 10.14
N HIS B 14 8.92 -41.53 9.94
CA HIS B 14 8.21 -42.63 9.26
C HIS B 14 7.91 -43.71 10.29
N PRO B 15 7.04 -44.66 9.93
CA PRO B 15 6.83 -45.81 10.83
C PRO B 15 8.12 -46.67 10.93
N ALA B 16 8.56 -46.88 12.17
CA ALA B 16 9.84 -47.50 12.44
C ALA B 16 9.88 -48.97 11.96
N GLU B 17 11.02 -49.37 11.42
CA GLU B 17 11.36 -50.72 11.13
C GLU B 17 12.78 -50.93 11.63
N ASN B 18 13.01 -51.99 12.38
CA ASN B 18 14.32 -52.22 12.97
C ASN B 18 15.38 -52.32 11.88
N GLY B 19 16.55 -51.74 12.10
CA GLY B 19 17.60 -51.68 11.08
C GLY B 19 17.34 -50.86 9.80
N LYS B 20 16.33 -49.98 9.78
CA LYS B 20 16.01 -49.14 8.61
C LYS B 20 16.11 -47.63 8.94
N SER B 21 16.29 -46.80 7.93
CA SER B 21 16.74 -45.41 8.12
C SER B 21 15.59 -44.48 8.45
N ASN B 22 15.75 -43.67 9.50
CA ASN B 22 14.61 -42.84 9.98
C ASN B 22 15.07 -41.59 10.75
N PHE B 23 14.14 -40.72 11.11
CA PHE B 23 14.40 -39.57 11.99
C PHE B 23 13.58 -39.69 13.27
N LEU B 24 14.17 -39.23 14.36
CA LEU B 24 13.55 -39.22 15.64
C LEU B 24 13.26 -37.81 16.03
N ASN B 25 11.98 -37.51 16.27
CA ASN B 25 11.53 -36.19 16.62
C ASN B 25 11.12 -36.08 18.06
N CYS B 26 11.51 -34.95 18.65
CA CYS B 26 10.97 -34.45 19.86
C CYS B 26 10.25 -33.04 19.64
N TYR B 27 8.91 -33.03 19.70
CA TYR B 27 8.10 -31.80 19.58
C TYR B 27 7.64 -31.26 20.91
N VAL B 28 8.21 -30.12 21.29
CA VAL B 28 7.89 -29.38 22.46
C VAL B 28 7.06 -28.19 22.03
N SER B 29 5.88 -28.11 22.57
CA SER B 29 4.93 -27.04 22.21
C SER B 29 4.15 -26.57 23.41
N GLY B 30 3.60 -25.35 23.34
CA GLY B 30 2.59 -24.90 24.30
C GLY B 30 3.22 -24.21 25.50
N PHE B 31 4.51 -23.87 25.43
CA PHE B 31 5.27 -23.40 26.57
C PHE B 31 5.59 -21.88 26.52
N HIS B 32 5.92 -21.29 27.66
CA HIS B 32 6.32 -19.92 27.77
C HIS B 32 6.88 -19.74 29.19
N PRO B 33 7.99 -19.07 29.45
CA PRO B 33 8.81 -18.33 28.49
C PRO B 33 9.57 -19.24 27.56
N SER B 34 10.32 -18.59 26.67
CA SER B 34 10.95 -19.27 25.56
C SER B 34 12.18 -20.09 25.91
N ASP B 35 12.87 -19.81 27.04
CA ASP B 35 14.16 -20.51 27.33
C ASP B 35 13.97 -21.97 27.79
N ILE B 36 14.28 -22.89 26.89
CA ILE B 36 14.11 -24.30 27.08
C ILE B 36 15.35 -25.15 26.68
N GLU B 37 15.66 -26.17 27.51
CA GLU B 37 16.67 -27.24 27.23
C GLU B 37 15.98 -28.49 26.70
N VAL B 38 16.38 -28.98 25.52
CA VAL B 38 15.81 -30.21 24.95
C VAL B 38 16.97 -31.10 24.50
N ASP B 39 17.00 -32.36 24.94
CA ASP B 39 18.06 -33.34 24.52
C ASP B 39 17.42 -34.64 24.14
N LEU B 40 17.82 -35.22 23.03
CA LEU B 40 17.49 -36.56 22.70
C LEU B 40 18.52 -37.50 23.35
N LEU B 41 18.04 -38.65 23.84
CA LEU B 41 18.89 -39.62 24.52
C LEU B 41 18.85 -40.98 23.79
N LYS B 42 19.99 -41.66 23.75
CA LYS B 42 20.06 -43.05 23.29
C LYS B 42 20.68 -43.82 24.46
N ASN B 43 19.97 -44.85 24.91
CA ASN B 43 20.34 -45.60 26.13
C ASN B 43 20.77 -44.66 27.23
N GLY B 44 20.02 -43.56 27.32
CA GLY B 44 20.19 -42.56 28.37
C GLY B 44 21.37 -41.62 28.28
N GLU B 45 22.05 -41.58 27.12
CA GLU B 45 23.15 -40.62 26.87
C GLU B 45 22.85 -39.59 25.72
N ARG B 46 23.12 -38.28 25.93
CA ARG B 46 22.99 -37.22 24.85
C ARG B 46 23.41 -37.69 23.51
N ILE B 47 22.53 -37.60 22.52
CA ILE B 47 22.96 -37.64 21.15
C ILE B 47 23.44 -36.19 20.85
N GLU B 48 24.72 -36.02 20.51
CA GLU B 48 25.26 -34.72 20.10
C GLU B 48 24.63 -34.16 18.81
N LYS B 49 24.53 -34.97 17.75
CA LYS B 49 24.16 -34.50 16.41
C LYS B 49 22.66 -34.35 16.23
N VAL B 50 22.16 -33.31 16.86
CA VAL B 50 20.77 -33.00 16.88
C VAL B 50 20.57 -31.59 16.34
N GLU B 51 19.42 -31.37 15.71
CA GLU B 51 19.11 -30.15 15.03
C GLU B 51 17.76 -29.69 15.50
N HIS B 52 17.43 -28.43 15.24
CA HIS B 52 16.14 -27.91 15.65
C HIS B 52 15.62 -26.82 14.77
N SER B 53 14.30 -26.78 14.67
CA SER B 53 13.58 -25.81 13.90
C SER B 53 13.72 -24.40 14.49
N ASP B 54 13.29 -23.42 13.74
CA ASP B 54 13.44 -22.04 14.16
C ASP B 54 12.25 -21.73 15.06
N LEU B 55 12.52 -21.13 16.20
CA LEU B 55 11.48 -20.86 17.20
C LEU B 55 10.32 -20.00 16.66
N SER B 56 9.10 -20.44 16.96
CA SER B 56 7.91 -19.80 16.49
C SER B 56 6.80 -20.02 17.55
N PHE B 57 5.59 -19.50 17.34
CA PHE B 57 4.56 -19.48 18.32
C PHE B 57 3.17 -19.61 17.71
N SER B 58 2.21 -19.89 18.59
CA SER B 58 0.85 -20.22 18.24
C SER B 58 -0.10 -19.07 18.42
N LYS B 59 -1.37 -19.29 18.05
CA LYS B 59 -2.33 -18.22 18.25
C LYS B 59 -2.29 -17.67 19.75
N ASP B 60 -1.99 -18.52 20.75
CA ASP B 60 -2.08 -18.10 22.15
C ASP B 60 -0.78 -17.52 22.72
N TRP B 61 0.19 -17.27 21.81
CA TRP B 61 1.52 -16.74 22.11
C TRP B 61 2.47 -17.73 22.76
N SER B 62 2.14 -19.01 22.76
CA SER B 62 3.05 -20.00 23.35
C SER B 62 3.97 -20.58 22.29
N PHE B 63 5.17 -20.88 22.71
CA PHE B 63 6.25 -21.35 21.81
C PHE B 63 6.21 -22.83 21.49
N TYR B 64 6.70 -23.15 20.31
CA TYR B 64 6.87 -24.53 19.88
C TYR B 64 8.16 -24.72 19.06
N LEU B 65 8.77 -25.90 19.14
CA LEU B 65 10.09 -26.28 18.49
C LEU B 65 10.14 -27.77 18.18
N LEU B 66 10.71 -28.14 17.04
CA LEU B 66 10.90 -29.54 16.68
C LEU B 66 12.35 -29.81 16.89
N TYR B 67 12.77 -30.87 17.60
CA TYR B 67 14.21 -31.28 17.57
C TYR B 67 14.25 -32.63 16.92
N TYR B 68 15.28 -32.89 16.10
CA TYR B 68 15.38 -34.12 15.31
C TYR B 68 16.80 -34.57 15.10
N THR B 69 16.94 -35.85 14.84
CA THR B 69 18.22 -36.52 14.65
C THR B 69 18.03 -37.74 13.75
N GLU B 70 18.95 -37.99 12.81
CA GLU B 70 18.91 -39.23 12.01
C GLU B 70 19.11 -40.38 13.03
N PHE B 71 18.32 -41.44 12.90
CA PHE B 71 18.58 -42.73 13.57
C PHE B 71 18.14 -43.98 12.78
N THR B 72 18.66 -45.11 13.25
CA THR B 72 18.29 -46.46 12.77
C THR B 72 17.80 -47.28 13.96
N PRO B 73 16.48 -47.39 14.14
CA PRO B 73 16.01 -48.08 15.32
C PRO B 73 16.36 -49.53 15.32
N THR B 74 16.33 -50.13 16.50
CA THR B 74 16.60 -51.56 16.65
C THR B 74 15.76 -52.09 17.79
N GLU B 75 15.84 -53.39 18.03
CA GLU B 75 15.06 -54.07 19.06
C GLU B 75 15.33 -53.52 20.46
N LYS B 76 16.57 -53.55 20.91
CA LYS B 76 16.90 -53.31 22.35
C LYS B 76 17.24 -51.87 22.66
N ASP B 77 17.70 -51.10 21.67
CA ASP B 77 18.12 -49.71 21.91
C ASP B 77 16.94 -48.78 22.24
N GLU B 78 17.09 -48.02 23.32
CA GLU B 78 16.04 -47.27 23.97
C GLU B 78 16.21 -45.73 23.77
N TYR B 79 15.29 -45.12 23.05
CA TYR B 79 15.41 -43.68 22.74
C TYR B 79 14.44 -42.88 23.60
N ALA B 80 14.92 -41.74 24.15
CA ALA B 80 14.13 -40.76 24.97
C ALA B 80 14.31 -39.25 24.60
N CYS B 81 13.49 -38.37 25.18
CA CYS B 81 13.66 -36.94 25.03
C CYS B 81 13.62 -36.34 26.42
N ARG B 82 14.67 -35.61 26.83
CA ARG B 82 14.76 -34.97 28.16
C ARG B 82 14.57 -33.42 28.03
N VAL B 83 13.72 -32.84 28.85
CA VAL B 83 13.30 -31.43 28.71
C VAL B 83 13.47 -30.71 30.05
N ASN B 84 14.25 -29.64 30.08
CA ASN B 84 14.17 -28.73 31.22
C ASN B 84 13.59 -27.34 30.86
N HIS B 85 12.75 -26.83 31.74
CA HIS B 85 12.05 -25.57 31.62
C HIS B 85 11.89 -24.98 33.05
N VAL B 86 11.60 -23.68 33.09
CA VAL B 86 11.48 -22.96 34.33
C VAL B 86 10.27 -23.44 35.16
N THR B 87 9.30 -24.03 34.49
CA THR B 87 8.11 -24.57 35.13
C THR B 87 8.22 -25.99 35.64
N LEU B 88 9.38 -26.65 35.45
CA LEU B 88 9.60 -28.07 35.87
C LEU B 88 10.69 -28.14 36.91
N SER B 89 10.32 -28.50 38.13
CA SER B 89 11.30 -28.65 39.22
C SER B 89 12.45 -29.64 38.91
N GLN B 90 12.22 -30.60 38.03
CA GLN B 90 13.32 -31.45 37.58
C GLN B 90 13.10 -31.80 36.15
N PRO B 91 14.17 -32.09 35.42
CA PRO B 91 13.90 -32.44 34.02
C PRO B 91 12.90 -33.58 33.87
N LYS B 92 12.20 -33.53 32.74
CA LYS B 92 11.14 -34.46 32.40
C LYS B 92 11.67 -35.30 31.30
N ILE B 93 11.59 -36.62 31.46
CA ILE B 93 12.08 -37.55 30.45
C ILE B 93 10.88 -38.21 29.85
N VAL B 94 10.84 -38.36 28.54
CA VAL B 94 9.77 -39.05 27.87
C VAL B 94 10.35 -40.04 26.92
N LYS B 95 10.02 -41.32 27.09
CA LYS B 95 10.59 -42.36 26.24
C LYS B 95 9.90 -42.41 24.92
N TRP B 96 10.63 -42.83 23.91
CA TRP B 96 10.05 -43.15 22.64
C TRP B 96 9.31 -44.47 22.73
N ASP B 97 8.05 -44.42 22.30
CA ASP B 97 7.23 -45.60 22.10
C ASP B 97 6.89 -45.76 20.61
N ARG B 98 7.61 -46.64 19.92
CA ARG B 98 7.24 -47.10 18.58
C ARG B 98 5.76 -46.98 18.15
N ASP B 99 4.84 -47.42 19.04
CA ASP B 99 3.35 -47.42 18.82
C ASP B 99 2.60 -46.13 19.29
N MET B 100 3.36 -45.04 19.52
CA MET B 100 2.87 -43.61 19.76
C MET B 100 3.74 -42.40 19.17
N MET C 1 6.71 -10.47 1.70
CA MET C 1 7.95 -9.86 2.27
C MET C 1 7.55 -9.09 3.50
N THR C 2 8.50 -8.76 4.38
CA THR C 2 8.18 -8.01 5.63
C THR C 2 7.82 -6.58 5.30
N SER C 3 7.40 -5.81 6.30
CA SER C 3 6.89 -4.49 6.05
C SER C 3 7.87 -3.38 6.35
N ALA C 4 8.09 -2.52 5.34
CA ALA C 4 8.84 -1.27 5.50
C ALA C 4 8.05 -0.21 6.32
N ILE C 5 6.73 -0.32 6.37
CA ILE C 5 5.94 0.66 7.08
C ILE C 5 5.14 0.14 8.33
N GLY C 6 4.92 1.08 9.26
CA GLY C 6 4.03 0.88 10.37
C GLY C 6 4.52 -0.08 11.48
N ILE C 7 5.84 -0.16 11.64
CA ILE C 7 6.45 -0.92 12.68
C ILE C 7 7.16 0.02 13.58
N LEU C 8 6.41 0.58 14.51
CA LEU C 8 6.85 1.64 15.34
C LEU C 8 7.03 1.13 16.73
N PRO C 9 7.90 1.81 17.50
CA PRO C 9 7.98 1.48 18.93
C PRO C 9 6.75 1.87 19.75
N VAL C 10 6.46 1.00 20.71
CA VAL C 10 5.38 1.17 21.71
C VAL C 10 5.53 2.37 22.69
N GLY D 1 -3.76 5.62 -24.72
CA GLY D 1 -3.06 4.54 -24.00
C GLY D 1 -2.92 4.78 -22.51
N SER D 2 -1.90 5.57 -22.12
CA SER D 2 -1.61 5.90 -20.69
C SER D 2 -2.63 6.86 -20.06
N HIS D 3 -2.62 6.90 -18.73
CA HIS D 3 -3.57 7.65 -17.96
C HIS D 3 -2.85 8.05 -16.71
N SER D 4 -3.49 8.90 -15.90
CA SER D 4 -2.91 9.37 -14.63
C SER D 4 -3.90 10.04 -13.66
N MET D 5 -3.54 10.13 -12.38
CA MET D 5 -4.32 10.81 -11.35
C MET D 5 -3.35 11.76 -10.74
N ARG D 6 -3.85 12.92 -10.31
CA ARG D 6 -3.02 13.94 -9.73
C ARG D 6 -3.87 14.64 -8.76
N TYR D 7 -3.34 14.86 -7.56
CA TYR D 7 -3.96 15.76 -6.60
C TYR D 7 -3.04 16.93 -6.43
N PHE D 8 -3.63 18.11 -6.28
CA PHE D 8 -2.89 19.38 -6.22
C PHE D 8 -3.38 20.19 -5.04
N PHE D 9 -2.46 20.68 -4.21
CA PHE D 9 -2.88 21.35 -2.96
C PHE D 9 -2.18 22.68 -2.85
N THR D 10 -2.83 23.72 -2.40
CA THR D 10 -2.17 25.03 -2.34
C THR D 10 -2.59 25.64 -1.06
N SER D 11 -1.70 26.24 -0.30
CA SER D 11 -2.15 27.01 0.87
C SER D 11 -1.48 28.27 0.83
N VAL D 12 -2.15 29.32 1.28
CA VAL D 12 -1.57 30.63 1.30
C VAL D 12 -1.79 31.30 2.62
N SER D 13 -0.77 31.79 3.28
CA SER D 13 -1.03 32.48 4.52
C SER D 13 -1.51 33.96 4.36
N ARG D 14 -2.26 34.44 5.34
CA ARG D 14 -2.93 35.71 5.28
C ARG D 14 -2.63 36.42 6.56
N PRO D 15 -1.47 37.01 6.64
CA PRO D 15 -0.79 37.11 7.92
C PRO D 15 -1.62 37.86 8.98
N GLY D 16 -2.18 39.02 8.69
CA GLY D 16 -3.09 39.71 9.65
C GLY D 16 -4.59 39.55 9.41
N ARG D 17 -4.94 38.54 8.59
CA ARG D 17 -6.29 38.28 8.07
C ARG D 17 -6.74 36.81 8.37
N GLY D 18 -6.18 36.17 9.41
CA GLY D 18 -6.69 34.89 9.94
C GLY D 18 -6.18 33.56 9.41
N GLU D 19 -7.07 32.65 9.04
CA GLU D 19 -6.67 31.29 8.71
C GLU D 19 -6.16 31.25 7.30
N PRO D 20 -5.20 30.37 7.02
CA PRO D 20 -4.72 30.16 5.67
C PRO D 20 -5.75 29.68 4.71
N ARG D 21 -5.64 30.15 3.47
CA ARG D 21 -6.49 29.71 2.37
C ARG D 21 -5.96 28.37 2.08
N PHE D 22 -6.82 27.49 1.64
CA PHE D 22 -6.39 26.15 1.25
C PHE D 22 -7.38 25.67 0.19
N ILE D 23 -6.84 25.06 -0.84
CA ILE D 23 -7.58 24.58 -1.96
C ILE D 23 -6.91 23.32 -2.41
N ALA D 24 -7.70 22.31 -2.70
CA ALA D 24 -7.18 21.08 -3.23
C ALA D 24 -8.00 20.71 -4.41
N VAL D 25 -7.45 20.01 -5.36
CA VAL D 25 -8.23 19.60 -6.52
C VAL D 25 -7.58 18.34 -6.97
N GLY D 26 -8.36 17.47 -7.55
CA GLY D 26 -7.77 16.32 -8.20
C GLY D 26 -8.31 16.06 -9.56
N TYR D 27 -7.45 15.53 -10.42
CA TYR D 27 -7.74 15.28 -11.82
C TYR D 27 -7.33 13.87 -12.15
N VAL D 28 -8.14 13.26 -13.03
CA VAL D 28 -7.74 12.09 -13.83
C VAL D 28 -7.47 12.54 -15.25
N ASP D 29 -6.22 12.39 -15.68
CA ASP D 29 -5.78 12.89 -16.96
C ASP D 29 -6.06 14.39 -17.03
N ASP D 30 -6.96 14.88 -17.87
CA ASP D 30 -7.21 16.34 -17.98
C ASP D 30 -8.57 16.78 -17.41
N THR D 31 -9.27 15.86 -16.74
CA THR D 31 -10.64 16.06 -16.32
C THR D 31 -10.61 16.12 -14.82
N GLN D 32 -11.05 17.24 -14.29
CA GLN D 32 -11.17 17.45 -12.85
C GLN D 32 -12.33 16.67 -12.28
N PHE D 33 -12.14 15.97 -11.17
CA PHE D 33 -13.25 15.23 -10.48
C PHE D 33 -13.63 15.66 -9.07
N VAL D 34 -12.78 16.34 -8.31
CA VAL D 34 -13.10 16.84 -6.94
C VAL D 34 -12.40 18.10 -6.52
N ARG D 35 -12.97 18.78 -5.53
CA ARG D 35 -12.33 19.95 -4.93
C ARG D 35 -12.66 20.10 -3.48
N PHE D 36 -11.80 20.80 -2.79
CA PHE D 36 -12.07 21.27 -1.44
C PHE D 36 -11.60 22.67 -1.38
N ASP D 37 -12.32 23.57 -0.76
CA ASP D 37 -11.95 24.92 -0.74
C ASP D 37 -12.33 25.55 0.60
N SER D 38 -11.35 25.61 1.52
CA SER D 38 -11.53 26.15 2.89
C SER D 38 -12.53 27.28 2.94
N ASP D 39 -12.40 28.23 2.03
CA ASP D 39 -13.22 29.43 2.13
C ASP D 39 -14.67 29.34 1.56
N ALA D 40 -15.12 28.15 1.13
CA ALA D 40 -16.53 27.91 0.73
C ALA D 40 -17.40 27.50 1.94
N ALA D 41 -18.71 27.68 1.88
CA ALA D 41 -19.61 27.36 3.04
C ALA D 41 -19.53 25.91 3.58
N SER D 42 -19.70 24.92 2.69
CA SER D 42 -19.91 23.51 3.04
C SER D 42 -18.79 22.85 3.85
N GLN D 43 -17.54 23.19 3.57
CA GLN D 43 -16.35 22.60 4.22
C GLN D 43 -16.23 21.10 3.98
N ARG D 44 -16.79 20.61 2.88
CA ARG D 44 -16.72 19.21 2.52
C ARG D 44 -15.96 19.14 1.22
N MET D 45 -15.48 17.97 0.88
CA MET D 45 -14.90 17.68 -0.41
C MET D 45 -16.13 17.53 -1.24
N GLU D 46 -16.13 18.13 -2.42
CA GLU D 46 -17.33 18.16 -3.26
C GLU D 46 -17.07 17.45 -4.57
N PRO D 47 -18.12 16.85 -5.15
CA PRO D 47 -17.92 16.25 -6.45
C PRO D 47 -17.88 17.31 -7.56
N ARG D 48 -16.99 17.11 -8.53
CA ARG D 48 -16.86 17.95 -9.71
C ARG D 48 -17.04 17.24 -11.10
N ALA D 49 -17.75 16.12 -11.13
CA ALA D 49 -17.91 15.32 -12.35
C ALA D 49 -19.15 14.49 -12.18
N PRO D 50 -19.76 14.02 -13.27
CA PRO D 50 -20.92 13.15 -13.06
C PRO D 50 -20.59 11.70 -12.62
N TRP D 51 -19.48 11.15 -13.09
CA TRP D 51 -19.18 9.72 -12.84
C TRP D 51 -18.76 9.39 -11.40
N ILE D 52 -18.31 10.41 -10.67
CA ILE D 52 -17.92 10.30 -9.25
C ILE D 52 -19.04 10.58 -8.27
N GLU D 53 -20.16 11.12 -8.75
CA GLU D 53 -21.27 11.50 -7.87
C GLU D 53 -22.01 10.25 -7.34
N GLN D 54 -21.95 9.14 -8.07
CA GLN D 54 -22.53 7.87 -7.62
C GLN D 54 -21.92 7.34 -6.29
N GLU D 55 -20.63 7.60 -6.05
CA GLU D 55 -19.90 7.12 -4.86
C GLU D 55 -20.59 7.25 -3.50
N GLY D 56 -20.43 6.22 -2.66
CA GLY D 56 -21.15 6.04 -1.41
C GLY D 56 -20.89 7.17 -0.44
N PRO D 57 -21.72 7.28 0.60
CA PRO D 57 -21.64 8.42 1.50
C PRO D 57 -20.37 8.46 2.36
N GLU D 58 -19.68 7.32 2.51
CA GLU D 58 -18.42 7.20 3.29
C GLU D 58 -17.22 7.53 2.43
N TYR D 59 -17.41 7.56 1.12
CA TYR D 59 -16.42 8.18 0.22
C TYR D 59 -16.18 9.64 0.62
N TRP D 60 -17.24 10.43 0.69
CA TRP D 60 -17.12 11.87 0.99
C TRP D 60 -16.61 12.16 2.41
N ASP D 61 -17.12 11.45 3.41
CA ASP D 61 -16.70 11.62 4.83
C ASP D 61 -15.20 11.47 5.05
N GLY D 62 -14.64 10.45 4.39
CA GLY D 62 -13.24 10.07 4.56
C GLY D 62 -12.39 11.02 3.81
N GLU D 63 -12.73 11.19 2.53
CA GLU D 63 -12.07 12.24 1.69
C GLU D 63 -12.14 13.57 2.38
N THR D 64 -13.28 13.94 2.94
CA THR D 64 -13.32 15.17 3.67
C THR D 64 -12.35 15.16 4.83
N ARG D 65 -12.42 14.13 5.67
CA ARG D 65 -11.56 14.03 6.88
C ARG D 65 -10.13 14.18 6.49
N LYS D 66 -9.74 13.39 5.49
CA LYS D 66 -8.32 13.31 5.11
C LYS D 66 -7.77 14.61 4.58
N VAL D 67 -8.63 15.42 3.98
CA VAL D 67 -8.21 16.57 3.24
C VAL D 67 -8.07 17.73 4.22
N LYS D 68 -8.93 17.72 5.23
CA LYS D 68 -8.79 18.68 6.30
C LYS D 68 -7.50 18.43 7.04
N ALA D 69 -7.02 17.18 7.03
CA ALA D 69 -5.72 16.85 7.65
C ALA D 69 -4.56 17.37 6.84
N HIS D 70 -4.44 16.97 5.58
CA HIS D 70 -3.50 17.68 4.62
C HIS D 70 -3.49 19.18 4.89
N SER D 71 -4.68 19.75 5.11
CA SER D 71 -4.81 21.17 5.38
C SER D 71 -4.14 21.56 6.65
N GLN D 72 -4.45 20.92 7.77
CA GLN D 72 -3.78 21.23 9.05
C GLN D 72 -2.28 20.94 9.03
N THR D 73 -1.86 20.00 8.17
CA THR D 73 -0.45 19.82 7.93
C THR D 73 0.14 21.04 7.17
N HIS D 74 -0.47 21.45 6.05
CA HIS D 74 0.04 22.66 5.34
C HIS D 74 0.01 23.86 6.23
N ARG D 75 -0.90 23.91 7.16
CA ARG D 75 -1.01 25.04 8.10
C ARG D 75 0.18 25.13 9.03
N VAL D 76 0.57 24.00 9.61
CA VAL D 76 1.79 23.90 10.43
C VAL D 76 3.05 24.18 9.61
N ASP D 77 3.10 23.61 8.41
CA ASP D 77 4.20 23.86 7.40
C ASP D 77 4.51 25.33 7.14
N LEU D 78 3.46 26.12 6.95
CA LEU D 78 3.61 27.56 6.81
C LEU D 78 4.34 28.21 7.94
N GLY D 79 4.06 27.84 9.18
CA GLY D 79 4.74 28.36 10.36
C GLY D 79 6.16 27.87 10.49
N THR D 80 6.43 26.65 10.06
CA THR D 80 7.80 26.09 10.22
C THR D 80 8.74 26.70 9.18
N LEU D 81 8.27 26.79 7.95
CA LEU D 81 9.00 27.43 6.84
C LEU D 81 9.30 28.91 7.09
N ARG D 82 8.39 29.66 7.59
CA ARG D 82 8.71 31.01 8.03
C ARG D 82 9.86 31.00 9.04
N GLY D 83 9.80 30.03 9.96
CA GLY D 83 10.88 29.84 10.95
C GLY D 83 12.22 29.53 10.31
N TYR D 84 12.22 28.58 9.40
CA TYR D 84 13.45 28.07 8.72
C TYR D 84 14.12 29.13 7.82
N TYR D 85 13.34 30.02 7.23
CA TYR D 85 13.93 31.01 6.34
C TYR D 85 14.11 32.35 7.04
N ASN D 86 13.84 32.42 8.35
CA ASN D 86 13.70 33.67 9.15
C ASN D 86 12.94 34.83 8.48
N GLN D 87 11.85 34.52 7.81
CA GLN D 87 11.00 35.57 7.26
C GLN D 87 10.11 36.20 8.29
N SER D 88 9.81 37.48 8.13
CA SER D 88 8.86 38.14 9.04
C SER D 88 7.43 37.56 8.99
N GLU D 89 6.73 37.80 10.09
CA GLU D 89 5.28 37.53 10.27
C GLU D 89 4.43 38.31 9.25
N ALA D 90 4.95 39.45 8.78
CA ALA D 90 4.20 40.42 7.99
C ALA D 90 3.76 39.91 6.64
N GLY D 91 4.59 39.08 5.99
CA GLY D 91 4.37 38.70 4.57
C GLY D 91 3.50 37.48 4.32
N SER D 92 2.82 37.46 3.18
CA SER D 92 2.04 36.29 2.76
C SER D 92 2.90 35.26 2.09
N HIS D 93 2.75 33.98 2.41
CA HIS D 93 3.63 32.92 1.82
C HIS D 93 2.80 31.80 1.30
N THR D 94 3.40 30.90 0.51
CA THR D 94 2.64 29.80 -0.18
C THR D 94 3.34 28.43 -0.13
N VAL D 95 2.59 27.38 0.22
CA VAL D 95 3.03 26.02 -0.02
C VAL D 95 2.15 25.42 -1.08
N GLN D 96 2.74 24.63 -1.96
CA GLN D 96 1.98 23.78 -2.86
C GLN D 96 2.52 22.37 -2.76
N ARG D 97 1.66 21.40 -2.99
CA ARG D 97 2.05 19.99 -2.98
C ARG D 97 1.33 19.35 -4.16
N MET D 98 2.01 18.43 -4.80
CA MET D 98 1.45 17.68 -5.88
C MET D 98 1.83 16.20 -5.72
N TYR D 99 0.88 15.27 -5.75
CA TYR D 99 1.23 13.85 -5.93
C TYR D 99 0.29 13.08 -6.84
N GLY D 100 0.76 11.94 -7.32
CA GLY D 100 -0.09 11.06 -8.11
C GLY D 100 0.65 9.98 -8.86
N CYS D 101 -0.05 9.28 -9.73
CA CYS D 101 0.54 8.17 -10.43
C CYS D 101 0.06 8.03 -11.85
N ASP D 102 0.89 7.41 -12.68
CA ASP D 102 0.63 7.13 -14.06
C ASP D 102 0.48 5.63 -14.31
N VAL D 103 -0.23 5.22 -15.36
CA VAL D 103 -0.29 3.81 -15.83
C VAL D 103 -0.09 3.71 -17.34
N GLY D 104 0.12 2.50 -17.84
CA GLY D 104 0.24 2.21 -19.29
C GLY D 104 -1.09 1.81 -19.92
N SER D 105 -1.06 1.25 -21.13
CA SER D 105 -2.29 0.71 -21.77
C SER D 105 -2.82 -0.54 -21.08
N ASP D 106 -1.88 -1.35 -20.59
CA ASP D 106 -2.13 -2.47 -19.67
C ASP D 106 -2.69 -2.08 -18.28
N TRP D 107 -2.84 -0.78 -18.02
CA TRP D 107 -3.35 -0.21 -16.76
C TRP D 107 -2.48 -0.49 -15.50
N ARG D 108 -1.22 -0.91 -15.68
CA ARG D 108 -0.32 -1.26 -14.58
C ARG D 108 0.52 -0.06 -14.21
N PHE D 109 0.83 0.09 -12.91
CA PHE D 109 1.71 1.15 -12.41
C PHE D 109 2.89 1.36 -13.32
N LEU D 110 3.15 2.65 -13.57
CA LEU D 110 4.21 3.10 -14.44
C LEU D 110 5.13 4.03 -13.70
N ARG D 111 4.58 4.98 -12.95
CA ARG D 111 5.39 5.99 -12.29
C ARG D 111 4.57 6.69 -11.25
N GLY D 112 5.24 7.27 -10.27
CA GLY D 112 4.62 8.11 -9.27
C GLY D 112 5.49 9.28 -8.88
N TYR D 113 4.83 10.26 -8.28
CA TYR D 113 5.39 11.52 -7.97
C TYR D 113 4.96 11.99 -6.63
N HIS D 114 5.83 12.75 -6.01
CA HIS D 114 5.43 13.57 -4.89
C HIS D 114 6.41 14.71 -4.79
N GLN D 115 5.87 15.91 -4.94
CA GLN D 115 6.66 17.16 -5.09
C GLN D 115 6.03 18.23 -4.23
N TYR D 116 6.90 19.00 -3.57
CA TYR D 116 6.50 20.03 -2.63
C TYR D 116 7.21 21.36 -2.98
N ALA D 117 6.47 22.48 -2.93
CA ALA D 117 7.09 23.79 -3.18
C ALA D 117 6.81 24.81 -2.10
N TYR D 118 7.75 25.71 -1.79
CA TYR D 118 7.49 26.86 -0.98
C TYR D 118 7.77 28.15 -1.79
N ASP D 119 6.78 29.05 -1.82
CA ASP D 119 6.91 30.35 -2.49
C ASP D 119 7.27 30.20 -3.96
N GLY D 120 6.51 29.32 -4.67
CA GLY D 120 6.73 28.85 -6.04
C GLY D 120 8.10 28.25 -6.43
N LYS D 121 8.87 27.67 -5.53
CA LYS D 121 10.18 27.04 -5.89
C LYS D 121 10.34 25.68 -5.25
N ASP D 122 10.78 24.69 -6.02
CA ASP D 122 11.16 23.37 -5.53
C ASP D 122 11.73 23.43 -4.12
N TYR D 123 11.12 22.65 -3.20
CA TYR D 123 11.64 22.54 -1.84
C TYR D 123 12.14 21.09 -1.66
N ILE D 124 11.25 20.11 -1.70
CA ILE D 124 11.71 18.73 -1.68
C ILE D 124 10.84 17.91 -2.64
N ALA D 125 11.42 16.93 -3.30
CA ALA D 125 10.64 16.00 -4.09
C ALA D 125 11.25 14.56 -4.08
N LEU D 126 10.42 13.63 -4.46
CA LEU D 126 10.70 12.24 -4.38
C LEU D 126 11.18 11.82 -5.72
N LYS D 127 12.29 11.07 -5.77
CA LYS D 127 12.97 10.75 -7.00
C LYS D 127 12.24 9.67 -7.75
N GLU D 128 12.66 9.34 -8.97
CA GLU D 128 11.97 8.29 -9.71
C GLU D 128 11.95 6.87 -9.01
N ASP D 129 13.09 6.46 -8.44
CA ASP D 129 13.18 5.16 -7.72
C ASP D 129 12.17 4.99 -6.57
N LEU D 130 11.59 6.11 -6.11
CA LEU D 130 10.63 6.19 -5.00
C LEU D 130 11.21 5.96 -3.58
N ARG D 131 12.53 6.00 -3.46
CA ARG D 131 13.17 5.68 -2.20
C ARG D 131 13.98 6.82 -1.60
N SER D 132 14.13 7.92 -2.33
CA SER D 132 15.03 8.97 -1.91
C SER D 132 14.47 10.34 -2.33
N TRP D 133 15.02 11.37 -1.72
CA TRP D 133 14.56 12.72 -1.94
C TRP D 133 15.62 13.54 -2.67
N THR D 134 15.13 14.55 -3.42
CA THR D 134 15.97 15.58 -4.02
C THR D 134 15.59 16.83 -3.27
N ALA D 135 16.50 17.34 -2.43
CA ALA D 135 16.32 18.55 -1.63
C ALA D 135 16.92 19.78 -2.33
N ALA D 136 16.16 20.85 -2.42
CA ALA D 136 16.60 22.08 -3.08
C ALA D 136 17.71 22.86 -2.35
N ASP D 137 17.78 22.84 -1.01
CA ASP D 137 18.69 23.70 -0.22
C ASP D 137 18.86 23.17 1.23
N MET D 138 19.58 23.92 2.07
CA MET D 138 19.79 23.55 3.46
C MET D 138 18.59 23.51 4.41
N ALA D 139 17.69 24.46 4.31
CA ALA D 139 16.42 24.37 5.03
C ALA D 139 15.73 23.05 4.72
N ALA D 140 15.66 22.70 3.44
CA ALA D 140 15.01 21.46 3.01
C ALA D 140 15.80 20.19 3.29
N GLN D 141 17.09 20.28 3.55
CA GLN D 141 17.87 19.11 3.93
C GLN D 141 17.47 18.74 5.38
N THR D 142 17.06 19.73 6.17
CA THR D 142 16.50 19.51 7.50
C THR D 142 15.23 18.67 7.42
N THR D 143 14.37 18.97 6.44
CA THR D 143 13.15 18.19 6.21
C THR D 143 13.48 16.82 5.66
N LYS D 144 14.40 16.73 4.74
CA LYS D 144 14.80 15.44 4.16
C LYS D 144 15.17 14.44 5.28
N HIS D 145 15.87 14.91 6.33
CA HIS D 145 16.30 14.06 7.46
C HIS D 145 15.10 13.66 8.33
N LYS D 146 14.16 14.57 8.52
CA LYS D 146 12.97 14.23 9.27
C LYS D 146 12.17 13.17 8.57
N TRP D 147 12.06 13.26 7.25
CA TRP D 147 11.33 12.25 6.45
C TRP D 147 12.06 10.92 6.20
N GLU D 148 13.38 10.94 6.36
CA GLU D 148 14.19 9.73 6.28
C GLU D 148 13.99 8.93 7.57
N ALA D 149 13.78 9.65 8.67
CA ALA D 149 13.62 9.03 10.01
C ALA D 149 12.18 8.53 10.25
N ALA D 150 11.18 9.24 9.74
CA ALA D 150 9.77 8.76 9.70
C ALA D 150 9.41 7.88 8.47
N HIS D 151 10.41 7.38 7.72
CA HIS D 151 10.18 6.54 6.54
C HIS D 151 9.09 7.07 5.56
N VAL D 152 9.01 8.39 5.35
CA VAL D 152 7.95 8.92 4.48
C VAL D 152 8.03 8.33 3.06
N ALA D 153 9.24 8.17 2.55
CA ALA D 153 9.36 7.57 1.23
C ALA D 153 8.55 6.27 1.13
N GLU D 154 8.87 5.33 2.01
CA GLU D 154 8.18 4.03 1.95
C GLU D 154 6.70 4.21 2.13
N GLN D 155 6.30 5.07 3.08
CA GLN D 155 4.87 5.32 3.26
C GLN D 155 4.17 5.81 1.96
N LEU D 156 4.79 6.75 1.24
CA LEU D 156 4.25 7.22 -0.10
C LEU D 156 4.37 6.22 -1.24
N ARG D 157 5.47 5.46 -1.24
CA ARG D 157 5.61 4.42 -2.23
C ARG D 157 4.48 3.42 -2.12
N ALA D 158 4.01 3.21 -0.91
CA ALA D 158 2.97 2.24 -0.67
C ALA D 158 1.61 2.80 -1.05
N TYR D 159 1.36 4.07 -0.78
CA TYR D 159 0.17 4.71 -1.42
C TYR D 159 0.25 4.72 -2.97
N LEU D 160 1.43 5.03 -3.51
CA LEU D 160 1.53 5.25 -4.95
C LEU D 160 1.38 3.97 -5.76
N GLU D 161 2.09 2.91 -5.35
CA GLU D 161 2.10 1.67 -6.12
C GLU D 161 0.87 0.86 -5.83
N GLY D 162 0.10 1.25 -4.82
CA GLY D 162 -1.02 0.45 -4.32
C GLY D 162 -2.33 1.18 -4.49
N THR D 163 -2.71 1.93 -3.48
CA THR D 163 -3.99 2.63 -3.46
C THR D 163 -4.29 3.58 -4.65
N CYS D 164 -3.32 4.45 -5.01
CA CYS D 164 -3.47 5.40 -6.13
C CYS D 164 -3.85 4.67 -7.40
N VAL D 165 -3.07 3.65 -7.79
CA VAL D 165 -3.34 2.91 -9.06
C VAL D 165 -4.66 2.19 -9.06
N GLU D 166 -4.97 1.46 -8.00
CA GLU D 166 -6.22 0.67 -7.92
C GLU D 166 -7.38 1.64 -8.11
N TRP D 167 -7.43 2.71 -7.33
CA TRP D 167 -8.52 3.70 -7.45
C TRP D 167 -8.57 4.50 -8.77
N LEU D 168 -7.44 4.62 -9.48
CA LEU D 168 -7.45 5.19 -10.83
C LEU D 168 -8.17 4.24 -11.78
N ARG D 169 -7.68 3.00 -11.86
CA ARG D 169 -8.30 1.96 -12.65
C ARG D 169 -9.81 1.88 -12.44
N ARG D 170 -10.22 2.14 -11.20
CA ARG D 170 -11.63 2.13 -10.83
C ARG D 170 -12.38 3.23 -11.58
N TYR D 171 -11.92 4.47 -11.40
CA TYR D 171 -12.53 5.67 -11.98
C TYR D 171 -12.64 5.62 -13.54
N LEU D 172 -11.56 5.17 -14.16
CA LEU D 172 -11.57 4.83 -15.58
C LEU D 172 -12.77 3.96 -16.01
N GLU D 173 -13.05 2.83 -15.36
CA GLU D 173 -14.17 1.99 -15.76
C GLU D 173 -15.51 2.68 -15.43
N ASN D 174 -15.59 3.42 -14.32
CA ASN D 174 -16.87 4.10 -13.99
C ASN D 174 -17.19 5.32 -14.84
N GLY D 175 -16.17 6.11 -15.21
CA GLY D 175 -16.33 7.26 -16.10
C GLY D 175 -15.73 7.03 -17.48
N LYS D 176 -15.91 5.82 -18.01
CA LYS D 176 -15.30 5.37 -19.30
C LYS D 176 -15.72 6.19 -20.52
N GLU D 177 -17.03 6.46 -20.57
CA GLU D 177 -17.67 7.34 -21.54
C GLU D 177 -16.94 8.70 -21.69
N THR D 178 -16.56 9.31 -20.57
CA THR D 178 -15.92 10.65 -20.57
C THR D 178 -14.39 10.62 -20.43
N LEU D 179 -13.81 9.58 -19.82
CA LEU D 179 -12.34 9.49 -19.61
C LEU D 179 -11.49 8.71 -20.65
N GLN D 180 -12.09 7.74 -21.36
CA GLN D 180 -11.34 6.85 -22.29
C GLN D 180 -11.50 7.15 -23.78
N ARG D 181 -12.45 8.01 -24.13
CA ARG D 181 -12.68 8.35 -25.53
C ARG D 181 -11.98 9.66 -25.81
N THR D 182 -11.50 9.81 -27.06
CA THR D 182 -10.51 10.82 -27.44
C THR D 182 -10.93 11.65 -28.69
N ASP D 183 -11.46 12.86 -28.45
CA ASP D 183 -12.03 13.76 -29.46
C ASP D 183 -10.97 14.37 -30.40
N ALA D 184 -11.09 14.11 -31.71
CA ALA D 184 -10.13 14.62 -32.66
C ALA D 184 -10.51 16.05 -33.04
N PRO D 185 -9.49 16.87 -33.36
CA PRO D 185 -9.68 18.31 -33.63
C PRO D 185 -10.54 18.64 -34.82
N LYS D 186 -11.45 19.57 -34.63
CA LYS D 186 -12.06 20.27 -35.73
C LYS D 186 -11.05 21.36 -36.13
N THR D 187 -10.34 21.17 -37.26
CA THR D 187 -9.34 22.17 -37.76
C THR D 187 -9.83 23.01 -38.91
N HIS D 188 -9.35 24.24 -38.94
CA HIS D 188 -9.67 25.18 -40.01
C HIS D 188 -8.54 26.20 -40.00
N MET D 189 -8.48 27.04 -41.03
CA MET D 189 -7.42 28.08 -41.17
C MET D 189 -7.98 29.45 -41.61
N THR D 190 -7.59 30.54 -40.92
CA THR D 190 -8.05 31.93 -41.21
C THR D 190 -6.97 32.75 -41.93
N HIS D 191 -7.36 33.91 -42.48
CA HIS D 191 -6.46 34.83 -43.21
C HIS D 191 -6.89 36.26 -42.92
N HIS D 192 -5.94 37.12 -42.55
CA HIS D 192 -6.20 38.56 -42.27
C HIS D 192 -5.10 39.42 -42.90
N ALA D 193 -5.44 40.62 -43.38
CA ALA D 193 -4.42 41.62 -43.72
C ALA D 193 -3.83 42.19 -42.42
N VAL D 194 -2.52 42.42 -42.41
CA VAL D 194 -1.93 43.53 -41.66
C VAL D 194 -1.12 44.36 -42.66
N SER D 195 -1.76 45.41 -43.19
CA SER D 195 -1.20 46.31 -44.24
C SER D 195 -1.24 45.70 -45.67
N ASP D 196 -0.76 46.51 -46.62
CA ASP D 196 -0.63 46.12 -48.03
C ASP D 196 0.37 44.96 -48.27
N HIS D 197 1.47 44.98 -47.52
CA HIS D 197 2.68 44.20 -47.78
C HIS D 197 2.62 42.76 -47.18
N GLU D 198 1.63 42.47 -46.31
CA GLU D 198 1.72 41.34 -45.36
C GLU D 198 0.33 40.72 -45.08
N ALA D 199 0.33 39.51 -44.49
CA ALA D 199 -0.91 38.78 -44.19
C ALA D 199 -0.72 37.72 -43.10
N THR D 200 -1.71 37.53 -42.22
CA THR D 200 -1.62 36.52 -41.14
C THR D 200 -2.39 35.29 -41.53
N LEU D 201 -1.76 34.13 -41.32
CA LEU D 201 -2.41 32.84 -41.49
C LEU D 201 -2.42 32.18 -40.17
N ARG D 202 -3.62 31.93 -39.66
CA ARG D 202 -3.82 31.34 -38.37
C ARG D 202 -4.36 29.92 -38.56
N CYS D 203 -3.69 28.96 -37.95
CA CYS D 203 -4.14 27.59 -37.94
C CYS D 203 -4.85 27.23 -36.61
N TRP D 204 -6.05 26.67 -36.70
CA TRP D 204 -6.89 26.51 -35.54
C TRP D 204 -7.13 25.07 -35.26
N ALA D 205 -6.96 24.68 -34.00
CA ALA D 205 -7.48 23.38 -33.52
C ALA D 205 -8.49 23.56 -32.39
N LEU D 206 -9.68 23.00 -32.55
CA LEU D 206 -10.76 23.24 -31.62
C LEU D 206 -11.35 21.91 -31.18
N SER D 207 -11.95 21.90 -29.98
CA SER D 207 -12.90 20.87 -29.58
C SER D 207 -12.25 19.45 -29.45
N PHE D 208 -11.05 19.38 -28.90
CA PHE D 208 -10.34 18.11 -28.86
C PHE D 208 -10.03 17.66 -27.42
N TYR D 209 -9.72 16.38 -27.28
CA TYR D 209 -9.42 15.78 -25.99
C TYR D 209 -8.56 14.56 -26.26
N PRO D 210 -7.46 14.31 -25.53
CA PRO D 210 -6.91 15.16 -24.49
C PRO D 210 -6.17 16.40 -25.00
N ALA D 211 -5.59 17.14 -24.05
CA ALA D 211 -4.84 18.38 -24.30
C ALA D 211 -3.58 18.23 -25.16
N GLU D 212 -2.94 17.05 -25.11
CA GLU D 212 -1.72 16.85 -25.87
C GLU D 212 -1.98 17.05 -27.37
N ILE D 213 -1.42 18.12 -27.95
CA ILE D 213 -1.51 18.35 -29.39
C ILE D 213 -0.23 19.04 -29.89
N THR D 214 0.07 18.94 -31.18
CA THR D 214 1.21 19.66 -31.74
C THR D 214 0.86 20.38 -33.03
N LEU D 215 1.07 21.70 -33.07
CA LEU D 215 0.87 22.48 -34.30
C LEU D 215 2.19 23.05 -34.80
N THR D 216 2.45 22.89 -36.09
CA THR D 216 3.65 23.44 -36.70
C THR D 216 3.33 24.05 -38.06
N TRP D 217 4.24 24.94 -38.48
CA TRP D 217 4.23 25.54 -39.79
C TRP D 217 5.47 25.17 -40.61
N GLN D 218 5.23 24.94 -41.90
CA GLN D 218 6.27 24.67 -42.89
C GLN D 218 6.19 25.65 -44.07
N ARG D 219 7.37 26.10 -44.51
CA ARG D 219 7.60 26.85 -45.73
C ARG D 219 8.15 25.90 -46.79
N ASP D 220 7.31 25.54 -47.77
CA ASP D 220 7.66 24.56 -48.84
C ASP D 220 8.07 23.20 -48.28
N GLY D 221 7.34 22.72 -47.28
CA GLY D 221 7.71 21.49 -46.59
C GLY D 221 9.05 21.58 -45.86
N GLU D 222 9.34 22.73 -45.28
CA GLU D 222 10.46 22.90 -44.35
C GLU D 222 10.02 23.68 -43.12
N ASP D 223 10.06 22.98 -41.97
CA ASP D 223 9.76 23.56 -40.66
C ASP D 223 10.38 24.95 -40.52
N GLN D 224 9.66 25.83 -39.85
CA GLN D 224 10.05 27.20 -39.71
C GLN D 224 9.42 27.74 -38.44
N THR D 225 10.18 27.72 -37.32
CA THR D 225 9.65 27.97 -35.97
C THR D 225 9.77 29.43 -35.53
N GLN D 226 10.61 30.19 -36.21
CA GLN D 226 10.61 31.64 -36.06
C GLN D 226 9.78 32.29 -37.18
N ASP D 227 9.27 33.49 -36.87
CA ASP D 227 8.13 34.16 -37.55
C ASP D 227 6.75 33.56 -37.18
N THR D 228 6.73 32.48 -36.37
CA THR D 228 5.48 31.93 -35.82
C THR D 228 5.03 32.64 -34.54
N GLU D 229 3.83 32.28 -34.13
CA GLU D 229 3.21 32.67 -32.88
C GLU D 229 2.29 31.52 -32.53
N LEU D 230 2.45 31.00 -31.32
CA LEU D 230 1.75 29.81 -30.87
C LEU D 230 1.24 30.18 -29.49
N VAL D 231 -0.07 30.07 -29.28
CA VAL D 231 -0.65 30.27 -27.94
C VAL D 231 -0.69 29.03 -27.04
N GLU D 232 -0.58 29.24 -25.75
CA GLU D 232 -0.75 28.15 -24.78
C GLU D 232 -2.09 27.41 -25.00
N THR D 233 -2.10 26.08 -24.89
CA THR D 233 -3.35 25.32 -25.09
C THR D 233 -4.33 25.64 -23.98
N ARG D 234 -5.60 25.77 -24.34
CA ARG D 234 -6.59 26.42 -23.46
C ARG D 234 -7.90 25.68 -23.41
N PRO D 235 -8.56 25.72 -22.27
CA PRO D 235 -9.74 24.90 -22.21
C PRO D 235 -10.90 25.68 -22.75
N ALA D 236 -11.76 24.99 -23.47
CA ALA D 236 -13.02 25.52 -23.95
C ALA D 236 -14.10 25.79 -22.87
N GLY D 237 -13.96 25.14 -21.70
CA GLY D 237 -14.92 25.22 -20.62
C GLY D 237 -15.97 24.11 -20.62
N ASP D 238 -16.01 23.24 -21.66
CA ASP D 238 -16.97 22.11 -21.76
C ASP D 238 -16.29 20.71 -21.97
N GLY D 239 -15.22 20.45 -21.24
CA GLY D 239 -14.44 19.23 -21.41
C GLY D 239 -13.35 19.30 -22.46
N THR D 240 -13.61 19.94 -23.60
CA THR D 240 -12.65 19.95 -24.72
C THR D 240 -11.60 21.10 -24.61
N PHE D 241 -10.63 21.10 -25.50
CA PHE D 241 -9.57 22.11 -25.55
C PHE D 241 -9.48 22.83 -26.90
N GLN D 242 -8.69 23.89 -26.96
CA GLN D 242 -8.51 24.68 -28.17
C GLN D 242 -7.03 25.10 -28.24
N LYS D 243 -6.54 25.38 -29.44
CA LYS D 243 -5.18 25.97 -29.62
C LYS D 243 -5.06 26.61 -30.99
N TRP D 244 -4.31 27.68 -31.13
CA TRP D 244 -3.90 28.06 -32.48
C TRP D 244 -2.46 28.38 -32.65
N ALA D 245 -2.04 28.33 -33.91
CA ALA D 245 -0.69 28.64 -34.33
C ALA D 245 -0.79 29.60 -35.50
N ALA D 246 -0.03 30.68 -35.47
CA ALA D 246 -0.05 31.62 -36.58
C ALA D 246 1.32 31.82 -37.17
N VAL D 247 1.31 32.49 -38.32
CA VAL D 247 2.52 32.91 -38.97
C VAL D 247 2.24 34.11 -39.90
N VAL D 248 3.06 35.15 -39.78
CA VAL D 248 2.97 36.35 -40.64
C VAL D 248 3.83 36.07 -41.89
N VAL D 249 3.28 36.38 -43.08
CA VAL D 249 3.93 36.08 -44.37
C VAL D 249 3.90 37.26 -45.36
N PRO D 250 4.72 37.18 -46.46
CA PRO D 250 4.57 38.17 -47.55
C PRO D 250 3.27 37.96 -48.33
N SER D 251 2.60 39.08 -48.61
CA SER D 251 1.38 39.10 -49.44
C SER D 251 1.60 38.34 -50.78
N GLY D 252 0.67 37.47 -51.18
CA GLY D 252 0.80 36.67 -52.42
C GLY D 252 1.48 35.30 -52.34
N GLN D 253 2.05 34.94 -51.18
CA GLN D 253 2.81 33.67 -50.96
C GLN D 253 2.06 32.58 -50.16
N GLU D 254 0.75 32.72 -50.04
CA GLU D 254 0.03 31.98 -49.01
C GLU D 254 0.14 30.43 -49.15
N GLN D 255 0.27 29.94 -50.38
CA GLN D 255 0.38 28.46 -50.62
C GLN D 255 1.79 27.88 -50.54
N ARG D 256 2.79 28.68 -50.26
CA ARG D 256 4.04 28.13 -49.76
C ARG D 256 3.85 27.37 -48.45
N TYR D 257 2.90 27.86 -47.65
CA TYR D 257 2.78 27.47 -46.23
C TYR D 257 1.78 26.38 -45.97
N THR D 258 2.13 25.52 -45.03
CA THR D 258 1.27 24.43 -44.62
C THR D 258 1.29 24.30 -43.10
N CYS D 259 0.14 23.94 -42.54
CA CYS D 259 -0.04 23.71 -41.10
C CYS D 259 -0.11 22.19 -40.80
N HIS D 260 0.59 21.75 -39.75
CA HIS D 260 0.62 20.33 -39.45
C HIS D 260 0.15 20.10 -38.05
N VAL D 261 -0.92 19.34 -37.91
CA VAL D 261 -1.48 18.97 -36.63
C VAL D 261 -1.10 17.54 -36.31
N GLN D 262 -0.80 17.27 -35.05
CA GLN D 262 -0.59 15.88 -34.58
C GLN D 262 -1.40 15.68 -33.32
N HIS D 263 -2.23 14.64 -33.31
CA HIS D 263 -3.07 14.36 -32.16
C HIS D 263 -3.35 12.89 -32.03
N GLU D 264 -3.54 12.46 -30.80
CA GLU D 264 -3.82 11.05 -30.48
C GLU D 264 -4.99 10.51 -31.28
N GLY D 265 -6.07 11.28 -31.28
CA GLY D 265 -7.31 10.95 -31.99
C GLY D 265 -7.28 10.86 -33.50
N LEU D 266 -6.42 11.63 -34.15
CA LEU D 266 -6.28 11.52 -35.59
C LEU D 266 -5.41 10.29 -35.92
N PRO D 267 -5.84 9.43 -36.88
CA PRO D 267 -4.97 8.34 -37.37
C PRO D 267 -3.74 8.75 -38.25
N LYS D 268 -3.96 9.39 -39.42
CA LYS D 268 -2.86 10.08 -40.15
C LYS D 268 -2.68 11.42 -39.47
N PRO D 269 -1.49 12.04 -39.57
CA PRO D 269 -1.44 13.46 -39.17
C PRO D 269 -2.15 14.35 -40.22
N LEU D 270 -2.57 15.55 -39.87
CA LEU D 270 -3.28 16.43 -40.81
C LEU D 270 -2.37 17.47 -41.42
N THR D 271 -2.66 17.87 -42.65
CA THR D 271 -1.99 18.98 -43.32
C THR D 271 -3.03 19.95 -43.83
N LEU D 272 -2.85 21.23 -43.55
CA LEU D 272 -3.77 22.29 -43.99
C LEU D 272 -3.07 23.23 -44.97
N ARG D 273 -3.82 24.06 -45.68
CA ARG D 273 -3.24 24.92 -46.74
C ARG D 273 -4.22 26.05 -47.07
N TRP D 274 -3.80 27.32 -47.08
CA TRP D 274 -4.79 28.37 -47.43
C TRP D 274 -5.35 28.18 -48.85
N GLU D 275 -6.63 27.81 -48.92
CA GLU D 275 -7.34 27.79 -50.20
C GLU D 275 -8.61 28.66 -50.38
N PRO D 276 -9.56 28.72 -49.38
CA PRO D 276 -10.93 29.32 -49.58
C PRO D 276 -11.08 30.63 -50.41
N MET E 1 10.80 35.79 -3.04
CA MET E 1 10.17 34.78 -3.90
C MET E 1 10.13 35.25 -5.32
N ILE E 2 9.92 34.30 -6.23
CA ILE E 2 9.69 34.59 -7.66
C ILE E 2 8.24 35.15 -7.86
N GLN E 3 8.12 36.30 -8.49
CA GLN E 3 6.85 36.80 -9.00
C GLN E 3 6.84 36.47 -10.47
N ARG E 4 5.76 35.93 -10.94
CA ARG E 4 5.65 35.60 -12.34
C ARG E 4 4.33 36.21 -12.82
N THR E 5 4.35 36.91 -13.98
CA THR E 5 3.13 37.69 -14.37
C THR E 5 2.16 36.88 -15.24
N PRO E 6 0.88 37.18 -15.16
CA PRO E 6 -0.06 36.40 -15.95
C PRO E 6 0.00 36.62 -17.44
N LYS E 7 -0.18 35.51 -18.17
CA LYS E 7 -0.51 35.47 -19.60
C LYS E 7 -2.00 35.39 -19.59
N ILE E 8 -2.67 36.08 -20.52
CA ILE E 8 -4.15 36.22 -20.56
C ILE E 8 -4.66 35.94 -21.95
N GLN E 9 -5.82 35.32 -22.10
CA GLN E 9 -6.47 35.06 -23.39
C GLN E 9 -7.92 35.19 -23.21
N VAL E 10 -8.58 35.87 -24.14
CA VAL E 10 -10.01 36.08 -24.06
C VAL E 10 -10.59 35.53 -25.32
N TYR E 11 -11.61 34.73 -25.21
CA TYR E 11 -12.08 33.99 -26.33
C TYR E 11 -13.33 33.34 -25.90
N SER E 12 -14.09 32.89 -26.89
CA SER E 12 -15.36 32.22 -26.68
C SER E 12 -15.26 30.68 -26.78
N ARG E 13 -16.22 29.98 -26.18
CA ARG E 13 -16.28 28.49 -26.23
C ARG E 13 -16.52 27.95 -27.61
N HIS E 14 -17.52 28.49 -28.31
CA HIS E 14 -17.80 28.11 -29.70
C HIS E 14 -17.42 29.27 -30.59
N PRO E 15 -17.31 29.02 -31.91
CA PRO E 15 -17.11 30.16 -32.83
C PRO E 15 -18.34 31.10 -32.83
N ALA E 16 -18.08 32.38 -32.58
CA ALA E 16 -19.14 33.36 -32.35
C ALA E 16 -20.02 33.55 -33.56
N GLU E 17 -21.32 33.71 -33.33
CA GLU E 17 -22.29 34.05 -34.37
C GLU E 17 -23.19 35.11 -33.73
N ASN E 18 -23.36 36.24 -34.39
CA ASN E 18 -24.12 37.35 -33.81
C ASN E 18 -25.55 36.90 -33.48
N GLY E 19 -26.06 37.31 -32.33
CA GLY E 19 -27.38 36.87 -31.85
C GLY E 19 -27.56 35.38 -31.49
N LYS E 20 -26.48 34.61 -31.32
CA LYS E 20 -26.56 33.18 -30.99
C LYS E 20 -25.81 32.89 -29.63
N SER E 21 -26.15 31.77 -29.00
CA SER E 21 -25.81 31.54 -27.61
C SER E 21 -24.40 31.01 -27.42
N ASN E 22 -23.64 31.61 -26.50
CA ASN E 22 -22.24 31.22 -26.32
C ASN E 22 -21.70 31.53 -24.91
N PHE E 23 -20.47 31.11 -24.63
CA PHE E 23 -19.74 31.51 -23.42
C PHE E 23 -18.49 32.30 -23.77
N LEU E 24 -18.18 33.24 -22.92
CA LEU E 24 -17.01 34.04 -23.04
C LEU E 24 -16.02 33.65 -21.97
N ASN E 25 -14.84 33.22 -22.38
CA ASN E 25 -13.79 32.82 -21.46
C ASN E 25 -12.65 33.80 -21.37
N CYS E 26 -12.20 33.97 -20.15
CA CYS E 26 -10.92 34.57 -19.85
C CYS E 26 -9.96 33.55 -19.09
N TYR E 27 -8.93 33.07 -19.78
CA TYR E 27 -7.90 32.18 -19.22
C TYR E 27 -6.65 32.88 -18.78
N VAL E 28 -6.45 32.98 -17.47
CA VAL E 28 -5.22 33.51 -16.89
C VAL E 28 -4.37 32.32 -16.45
N SER E 29 -3.17 32.24 -16.96
CA SER E 29 -2.25 31.19 -16.60
C SER E 29 -0.82 31.72 -16.44
N GLY E 30 0.02 30.98 -15.73
CA GLY E 30 1.45 31.21 -15.76
C GLY E 30 1.91 32.16 -14.68
N PHE E 31 1.04 32.46 -13.71
CA PHE E 31 1.29 33.53 -12.72
C PHE E 31 1.62 33.00 -11.33
N HIS E 32 2.21 33.84 -10.48
CA HIS E 32 2.51 33.53 -9.12
C HIS E 32 2.93 34.84 -8.44
N PRO E 33 2.51 35.18 -7.24
CA PRO E 33 1.67 34.39 -6.33
C PRO E 33 0.21 34.33 -6.83
N SER E 34 -0.59 33.63 -6.05
CA SER E 34 -1.91 33.22 -6.42
C SER E 34 -2.97 34.31 -6.35
N ASP E 35 -2.75 35.38 -5.61
CA ASP E 35 -3.78 36.42 -5.41
C ASP E 35 -3.92 37.35 -6.64
N ILE E 36 -5.01 37.14 -7.37
CA ILE E 36 -5.33 37.79 -8.61
C ILE E 36 -6.81 38.31 -8.69
N GLU E 37 -7.01 39.52 -9.25
CA GLU E 37 -8.34 40.09 -9.58
C GLU E 37 -8.65 39.89 -11.09
N VAL E 38 -9.76 39.26 -11.45
CA VAL E 38 -10.14 39.07 -12.86
C VAL E 38 -11.60 39.50 -13.05
N ASP E 39 -11.90 40.36 -14.03
CA ASP E 39 -13.28 40.83 -14.31
C ASP E 39 -13.53 40.76 -15.79
N LEU E 40 -14.69 40.26 -16.19
CA LEU E 40 -15.11 40.34 -17.57
C LEU E 40 -15.86 41.65 -17.75
N LEU E 41 -15.71 42.31 -18.90
CA LEU E 41 -16.34 43.61 -19.16
C LEU E 41 -17.22 43.53 -20.42
N LYS E 42 -18.37 44.21 -20.38
CA LYS E 42 -19.20 44.41 -21.54
C LYS E 42 -19.36 45.92 -21.69
N ASN E 43 -18.99 46.43 -22.86
CA ASN E 43 -18.91 47.89 -23.13
C ASN E 43 -18.28 48.61 -21.95
N GLY E 44 -17.24 47.94 -21.42
CA GLY E 44 -16.41 48.48 -20.35
C GLY E 44 -17.01 48.53 -18.93
N GLU E 45 -18.10 47.79 -18.72
CA GLU E 45 -18.70 47.60 -17.37
C GLU E 45 -18.65 46.13 -16.84
N ARG E 46 -18.20 45.89 -15.59
CA ARG E 46 -18.26 44.51 -14.92
C ARG E 46 -19.49 43.77 -15.27
N ILE E 47 -19.36 42.60 -15.84
CA ILE E 47 -20.45 41.63 -15.85
C ILE E 47 -20.38 40.95 -14.44
N GLU E 48 -21.43 41.11 -13.65
CA GLU E 48 -21.50 40.45 -12.32
C GLU E 48 -21.54 38.92 -12.40
N LYS E 49 -22.36 38.34 -13.29
CA LYS E 49 -22.64 36.91 -13.32
C LYS E 49 -21.58 36.09 -14.00
N VAL E 50 -20.44 35.99 -13.31
CA VAL E 50 -19.26 35.36 -13.80
C VAL E 50 -18.86 34.27 -12.83
N GLU E 51 -18.26 33.22 -13.34
CA GLU E 51 -17.92 32.02 -12.60
C GLU E 51 -16.49 31.73 -12.87
N HIS E 52 -15.89 30.91 -12.01
CA HIS E 52 -14.49 30.54 -12.22
C HIS E 52 -14.17 29.16 -11.70
N SER E 53 -13.23 28.53 -12.37
CA SER E 53 -12.74 27.22 -12.05
C SER E 53 -11.97 27.24 -10.71
N ASP E 54 -11.68 26.06 -10.22
CA ASP E 54 -10.97 25.95 -8.97
C ASP E 54 -9.49 26.08 -9.26
N LEU E 55 -8.82 26.89 -8.47
CA LEU E 55 -7.39 27.15 -8.64
C LEU E 55 -6.51 25.91 -8.64
N SER E 56 -5.62 25.85 -9.63
CA SER E 56 -4.73 24.73 -9.82
C SER E 56 -3.41 25.26 -10.43
N PHE E 57 -2.42 24.40 -10.65
CA PHE E 57 -1.09 24.81 -11.08
C PHE E 57 -0.46 23.84 -12.03
N SER E 58 0.58 24.32 -12.68
CA SER E 58 1.30 23.62 -13.76
C SER E 58 2.56 22.95 -13.29
N LYS E 59 3.21 22.23 -14.20
CA LYS E 59 4.45 21.59 -13.79
C LYS E 59 5.46 22.62 -13.13
N ASP E 60 5.45 23.91 -13.52
CA ASP E 60 6.42 24.86 -12.99
C ASP E 60 6.01 25.59 -11.71
N TRP E 61 4.92 25.11 -11.11
CA TRP E 61 4.30 25.68 -9.91
C TRP E 61 3.49 26.96 -10.13
N SER E 62 3.26 27.34 -11.38
CA SER E 62 2.52 28.61 -11.58
C SER E 62 1.05 28.33 -11.74
N PHE E 63 0.26 29.26 -11.28
CA PHE E 63 -1.22 29.12 -11.23
C PHE E 63 -1.94 29.42 -12.51
N TYR E 64 -3.07 28.77 -12.68
CA TYR E 64 -3.98 29.04 -13.78
C TYR E 64 -5.46 28.96 -13.35
N LEU E 65 -6.33 29.75 -13.99
CA LEU E 65 -7.81 29.85 -13.70
C LEU E 65 -8.60 30.20 -14.99
N LEU E 66 -9.78 29.62 -15.14
CA LEU E 66 -10.65 29.98 -16.26
C LEU E 66 -11.74 30.82 -15.66
N TYR E 67 -12.09 32.01 -16.20
CA TYR E 67 -13.33 32.70 -15.79
C TYR E 67 -14.26 32.69 -16.97
N TYR E 68 -15.56 32.53 -16.76
CA TYR E 68 -16.55 32.42 -17.85
C TYR E 68 -17.89 32.95 -17.51
N THR E 69 -18.64 33.31 -18.54
CA THR E 69 -19.96 33.94 -18.42
C THR E 69 -20.78 33.64 -19.67
N GLU E 70 -22.07 33.33 -19.52
CA GLU E 70 -22.95 33.16 -20.69
C GLU E 70 -22.99 34.54 -21.38
N PHE E 71 -22.90 34.53 -22.72
CA PHE E 71 -23.23 35.70 -23.56
C PHE E 71 -23.82 35.36 -24.94
N THR E 72 -24.39 36.42 -25.53
CA THR E 72 -24.87 36.43 -26.91
C THR E 72 -24.15 37.55 -27.66
N PRO E 73 -23.12 37.21 -28.45
CA PRO E 73 -22.40 38.29 -29.11
C PRO E 73 -23.26 38.98 -30.13
N THR E 74 -22.86 40.20 -30.47
CA THR E 74 -23.57 40.99 -31.46
C THR E 74 -22.56 41.84 -32.22
N GLU E 75 -23.03 42.59 -33.23
CA GLU E 75 -22.15 43.43 -34.05
C GLU E 75 -21.39 44.48 -33.24
N LYS E 76 -22.09 45.32 -32.49
CA LYS E 76 -21.48 46.51 -31.88
C LYS E 76 -20.92 46.29 -30.47
N ASP E 77 -21.48 45.33 -29.75
CA ASP E 77 -21.13 45.14 -28.34
C ASP E 77 -19.72 44.59 -28.15
N GLU E 78 -18.96 45.25 -27.26
CA GLU E 78 -17.52 45.09 -27.10
C GLU E 78 -17.13 44.39 -25.78
N TYR E 79 -16.59 43.18 -25.87
CA TYR E 79 -16.27 42.41 -24.68
C TYR E 79 -14.76 42.44 -24.40
N ALA E 80 -14.39 42.59 -23.11
CA ALA E 80 -12.97 42.58 -22.61
C ALA E 80 -12.75 41.72 -21.30
N CYS E 81 -11.48 41.55 -20.94
CA CYS E 81 -11.11 40.91 -19.67
C CYS E 81 -10.14 41.84 -19.00
N ARG E 82 -10.41 42.24 -17.74
CA ARG E 82 -9.46 43.07 -16.97
C ARG E 82 -8.79 42.27 -15.85
N VAL E 83 -7.47 42.40 -15.71
CA VAL E 83 -6.69 41.62 -14.74
C VAL E 83 -5.85 42.53 -13.88
N ASN E 84 -5.97 42.45 -12.55
CA ASN E 84 -4.91 43.02 -11.67
C ASN E 84 -4.11 41.95 -10.90
N HIS E 85 -2.82 42.17 -10.71
CA HIS E 85 -1.87 41.24 -10.07
C HIS E 85 -0.77 42.11 -9.40
N VAL E 86 -0.01 41.49 -8.51
CA VAL E 86 1.07 42.20 -7.80
C VAL E 86 2.21 42.62 -8.76
N THR E 87 2.31 41.91 -9.88
CA THR E 87 3.31 42.17 -10.89
C THR E 87 2.92 43.19 -11.93
N LEU E 88 1.71 43.75 -11.85
CA LEU E 88 1.20 44.74 -12.83
C LEU E 88 0.95 46.07 -12.15
N SER E 89 1.71 47.07 -12.57
CA SER E 89 1.54 48.44 -12.08
C SER E 89 0.11 49.00 -12.21
N GLN E 90 -0.65 48.53 -13.19
CA GLN E 90 -2.03 48.95 -13.35
C GLN E 90 -2.76 47.78 -13.97
N PRO E 91 -4.08 47.77 -13.87
CA PRO E 91 -4.72 46.64 -14.54
C PRO E 91 -4.37 46.54 -16.04
N LYS E 92 -4.43 45.31 -16.52
CA LYS E 92 -4.22 44.98 -17.92
C LYS E 92 -5.58 44.66 -18.48
N ILE E 93 -5.95 45.32 -19.56
CA ILE E 93 -7.23 45.05 -20.21
C ILE E 93 -6.95 44.36 -21.52
N VAL E 94 -7.67 43.32 -21.84
CA VAL E 94 -7.49 42.58 -23.08
C VAL E 94 -8.81 42.41 -23.75
N LYS E 95 -8.94 42.94 -24.96
CA LYS E 95 -10.24 42.91 -25.64
C LYS E 95 -10.45 41.57 -26.27
N TRP E 96 -11.71 41.18 -26.35
CA TRP E 96 -12.09 40.05 -27.17
C TRP E 96 -12.01 40.42 -28.64
N ASP E 97 -11.29 39.56 -29.36
CA ASP E 97 -11.28 39.55 -30.81
C ASP E 97 -11.92 38.26 -31.34
N ARG E 98 -13.18 38.32 -31.76
CA ARG E 98 -13.82 37.28 -32.54
C ARG E 98 -12.92 36.28 -33.32
N ASP E 99 -11.91 36.81 -34.05
CA ASP E 99 -10.94 36.02 -34.88
C ASP E 99 -9.63 35.55 -34.16
N MET E 100 -9.65 35.60 -32.80
CA MET E 100 -8.59 35.10 -31.84
C MET E 100 -9.08 34.48 -30.43
N MET F 1 -8.88 9.06 -4.81
CA MET F 1 -8.63 8.76 -3.39
C MET F 1 -7.32 9.42 -3.03
N THR F 2 -7.37 10.32 -2.04
CA THR F 2 -6.15 10.94 -1.47
C THR F 2 -5.47 10.01 -0.45
N SER F 3 -4.28 10.37 0.03
CA SER F 3 -3.49 9.47 0.80
C SER F 3 -3.73 9.68 2.30
N ALA F 4 -4.06 8.59 3.03
CA ALA F 4 -4.21 8.62 4.51
C ALA F 4 -2.85 8.58 5.24
N ILE F 5 -1.80 8.25 4.49
CA ILE F 5 -0.48 8.09 4.95
C ILE F 5 0.42 8.91 4.06
N GLY F 6 1.67 9.02 4.51
CA GLY F 6 2.61 9.96 3.91
C GLY F 6 2.15 11.20 4.58
N ILE F 7 2.52 12.35 4.07
CA ILE F 7 1.91 13.58 4.54
C ILE F 7 2.26 14.04 5.94
N LEU F 8 3.53 14.24 6.15
CA LEU F 8 4.02 14.78 7.37
C LEU F 8 4.37 16.26 7.19
N PRO F 9 4.31 17.00 8.32
CA PRO F 9 4.91 18.32 8.31
C PRO F 9 6.42 18.33 8.05
N VAL F 10 6.91 19.52 7.78
CA VAL F 10 8.20 19.81 7.14
C VAL F 10 9.29 20.21 8.19
#